data_5IG4
#
_entry.id   5IG4
#
_cell.length_a   78.466
_cell.length_b   180.100
_cell.length_c   179.511
_cell.angle_alpha   90.00
_cell.angle_beta   90.00
_cell.angle_gamma   90.00
#
_symmetry.space_group_name_H-M   'C 2 2 21'
#
loop_
_entity.id
_entity.type
_entity.pdbx_description
1 polymer 'Predicted protein'
2 non-polymer GLYCEROL
3 water water
#
_entity_poly.entity_id   1
_entity_poly.type   'polypeptide(L)'
_entity_poly.pdbx_seq_one_letter_code
;GPHSEDEEGQDVTAKVREQEIIRLTQKLITSITTGDYDTYSKLVDPHVTCFEPFSNGNLVEGLEFHKFYFDNTLSKRSVP
INTTILSPHVHVLGEDAACICYMRLTQSVNSSGEAKTLQQEETRVWQKKGGNWINVHFHISGKMS
;
_entity_poly.pdbx_strand_id   A,B,C,D,E,F,G
#
loop_
_chem_comp.id
_chem_comp.type
_chem_comp.name
_chem_comp.formula
GOL non-polymer GLYCEROL 'C3 H8 O3'
#
# COMPACT_ATOMS: atom_id res chain seq x y z
N THR A 13 -7.49 35.47 5.67
CA THR A 13 -6.44 34.90 4.82
C THR A 13 -6.55 33.37 4.79
N ALA A 14 -6.48 32.80 3.59
CA ALA A 14 -6.49 31.34 3.45
C ALA A 14 -5.23 30.73 4.06
N LYS A 15 -4.08 31.36 3.83
CA LYS A 15 -2.83 30.90 4.43
C LYS A 15 -2.96 30.78 5.94
N VAL A 16 -3.64 31.74 6.57
CA VAL A 16 -3.74 31.75 8.03
C VAL A 16 -4.56 30.57 8.53
N ARG A 17 -5.68 30.26 7.87
CA ARG A 17 -6.50 29.16 8.35
C ARG A 17 -5.86 27.83 8.03
N GLU A 18 -5.25 27.70 6.85
CA GLU A 18 -4.56 26.45 6.56
C GLU A 18 -3.58 26.14 7.68
N GLN A 19 -2.89 27.17 8.19
CA GLN A 19 -1.86 26.97 9.20
C GLN A 19 -2.51 26.58 10.54
N GLU A 20 -3.65 27.17 10.84
CA GLU A 20 -4.38 26.80 12.04
C GLU A 20 -4.71 25.32 12.07
N ILE A 21 -5.18 24.76 10.93
CA ILE A 21 -5.57 23.35 10.91
C ILE A 21 -4.34 22.46 11.00
N ILE A 22 -3.24 22.87 10.36
CA ILE A 22 -2.02 22.08 10.45
C ILE A 22 -1.51 22.05 11.89
N ARG A 23 -1.60 23.18 12.59
CA ARG A 23 -1.18 23.24 14.00
C ARG A 23 -2.11 22.44 14.90
N LEU A 24 -3.42 22.46 14.63
CA LEU A 24 -4.33 21.60 15.38
C LEU A 24 -3.98 20.13 15.18
N THR A 25 -3.53 19.77 13.99
CA THR A 25 -3.23 18.38 13.68
C THR A 25 -1.89 17.98 14.30
N GLN A 26 -0.93 18.89 14.30
CA GLN A 26 0.31 18.59 15.00
C GLN A 26 0.05 18.42 16.49
N LYS A 27 -0.77 19.31 17.08
CA LYS A 27 -1.11 19.19 18.50
C LYS A 27 -1.79 17.85 18.79
N LEU A 28 -2.71 17.44 17.91
CA LEU A 28 -3.42 16.18 18.09
C LEU A 28 -2.47 14.98 17.97
N ILE A 29 -1.63 14.97 16.94
CA ILE A 29 -0.69 13.87 16.78
C ILE A 29 0.25 13.81 17.96
N THR A 30 0.72 14.98 18.44
CA THR A 30 1.58 14.99 19.62
C THR A 30 0.87 14.35 20.81
N SER A 31 -0.41 14.68 21.01
CA SER A 31 -1.16 14.08 22.12
C SER A 31 -1.26 12.56 21.97
N ILE A 32 -1.37 12.06 20.74
CA ILE A 32 -1.45 10.62 20.51
C ILE A 32 -0.11 9.96 20.82
N THR A 33 0.97 10.53 20.30
CA THR A 33 2.27 9.90 20.47
C THR A 33 2.80 10.02 21.90
N THR A 34 2.37 11.03 22.67
CA THR A 34 2.79 11.11 24.08
C THR A 34 1.81 10.46 25.05
N GLY A 35 0.63 10.01 24.60
CA GLY A 35 -0.32 9.41 25.51
C GLY A 35 -1.14 10.38 26.29
N ASP A 36 -1.23 11.62 25.84
CA ASP A 36 -1.91 12.69 26.56
C ASP A 36 -3.39 12.68 26.17
N TYR A 37 -4.16 11.84 26.88
CA TYR A 37 -5.57 11.68 26.56
C TYR A 37 -6.40 12.90 26.87
N ASP A 38 -6.05 13.66 27.92
CA ASP A 38 -6.82 14.87 28.21
C ASP A 38 -6.81 15.81 27.00
N THR A 39 -5.65 15.97 26.35
CA THR A 39 -5.60 16.83 25.17
C THR A 39 -6.37 16.22 24.00
N TYR A 40 -6.13 14.92 23.74
CA TYR A 40 -6.83 14.22 22.66
C TYR A 40 -8.34 14.37 22.81
N SER A 41 -8.87 14.09 24.01
CA SER A 41 -10.31 14.07 24.24
C SER A 41 -10.93 15.46 24.15
N LYS A 42 -10.14 16.51 24.21
CA LYS A 42 -10.65 17.84 23.96
C LYS A 42 -10.59 18.25 22.49
N LEU A 43 -9.75 17.59 21.68
CA LEU A 43 -9.63 17.84 20.25
C LEU A 43 -10.48 16.91 19.39
N VAL A 44 -10.83 15.72 19.88
CA VAL A 44 -11.60 14.75 19.12
C VAL A 44 -13.02 14.72 19.67
N ASP A 45 -13.99 14.75 18.77
CA ASP A 45 -15.39 14.82 19.16
C ASP A 45 -15.78 13.57 19.93
N PRO A 46 -16.65 13.68 20.95
CA PRO A 46 -17.10 12.47 21.68
C PRO A 46 -17.88 11.50 20.80
N HIS A 47 -18.46 11.97 19.69
CA HIS A 47 -19.11 11.11 18.72
C HIS A 47 -18.33 11.03 17.40
N VAL A 48 -17.00 11.07 17.49
CA VAL A 48 -16.16 11.00 16.28
C VAL A 48 -16.41 9.70 15.53
N THR A 49 -16.29 9.74 14.21
CA THR A 49 -16.34 8.54 13.39
C THR A 49 -14.98 8.33 12.77
N CYS A 50 -14.70 7.09 12.36
CA CYS A 50 -13.36 6.89 11.85
C CYS A 50 -13.21 5.53 11.18
N PHE A 51 -12.26 5.48 10.25
CA PHE A 51 -11.76 4.25 9.65
C PHE A 51 -10.29 4.18 10.01
N GLU A 52 -9.83 3.03 10.49
CA GLU A 52 -8.41 2.85 10.72
C GLU A 52 -8.13 1.36 10.67
N PRO A 53 -6.86 0.98 10.51
CA PRO A 53 -6.55 -0.46 10.42
C PRO A 53 -7.16 -1.28 11.54
N PHE A 54 -7.06 -0.82 12.79
CA PHE A 54 -7.63 -1.53 13.92
C PHE A 54 -9.15 -1.57 13.92
N SER A 55 -9.83 -0.80 13.08
CA SER A 55 -11.28 -0.94 12.99
C SER A 55 -11.70 -2.04 12.02
N ASN A 56 -10.73 -2.66 11.34
CA ASN A 56 -10.98 -3.88 10.58
C ASN A 56 -12.00 -3.67 9.46
N GLY A 57 -11.90 -2.53 8.78
CA GLY A 57 -12.78 -2.21 7.68
C GLY A 57 -14.12 -1.65 8.08
N ASN A 58 -14.31 -1.30 9.34
CA ASN A 58 -15.59 -0.79 9.82
C ASN A 58 -15.48 0.68 10.17
N LEU A 59 -16.62 1.35 10.10
CA LEU A 59 -16.77 2.72 10.59
C LEU A 59 -17.13 2.63 12.08
N VAL A 60 -16.21 3.03 12.94
CA VAL A 60 -16.43 3.00 14.39
C VAL A 60 -16.70 4.41 14.88
N GLU A 61 -17.48 4.51 15.94
CA GLU A 61 -17.85 5.80 16.49
C GLU A 61 -17.52 5.87 17.98
N GLY A 62 -17.11 7.04 18.43
CA GLY A 62 -16.94 7.32 19.84
C GLY A 62 -15.49 7.27 20.29
N LEU A 63 -15.23 7.89 21.43
CA LEU A 63 -13.87 7.95 21.92
C LEU A 63 -13.40 6.65 22.53
N GLU A 64 -14.32 5.86 23.06
CA GLU A 64 -13.91 4.69 23.85
C GLU A 64 -13.00 3.76 23.03
N PHE A 65 -13.29 3.62 21.73
CA PHE A 65 -12.50 2.73 20.87
C PHE A 65 -11.04 3.15 20.85
N HIS A 66 -10.78 4.45 20.89
CA HIS A 66 -9.43 4.99 20.89
C HIS A 66 -8.83 5.11 22.29
N LYS A 67 -9.65 5.51 23.26
CA LYS A 67 -9.21 5.55 24.64
C LYS A 67 -8.62 4.21 25.05
N PHE A 68 -9.11 3.12 24.47
CA PHE A 68 -8.56 1.82 24.78
C PHE A 68 -7.05 1.79 24.58
N TYR A 69 -6.54 2.47 23.55
CA TYR A 69 -5.11 2.43 23.28
C TYR A 69 -4.33 3.39 24.17
N PHE A 70 -4.97 4.46 24.64
CA PHE A 70 -4.33 5.36 25.59
C PHE A 70 -4.12 4.66 26.92
N ASP A 71 -5.05 3.79 27.29
CA ASP A 71 -5.00 3.11 28.57
C ASP A 71 -4.10 1.88 28.55
N ASN A 72 -3.78 1.33 27.38
CA ASN A 72 -3.15 0.01 27.34
C ASN A 72 -1.92 -0.09 26.44
N THR A 73 -1.55 0.94 25.70
CA THR A 73 -0.33 0.83 24.91
C THR A 73 0.37 2.17 24.67
N LEU A 74 -0.40 3.25 24.49
CA LEU A 74 0.20 4.50 24.03
C LEU A 74 1.09 5.12 25.10
N SER A 75 0.71 5.05 26.36
CA SER A 75 1.53 5.57 27.46
C SER A 75 2.68 4.59 27.76
N LYS A 76 3.55 4.44 26.76
CA LYS A 76 4.73 3.58 26.86
C LYS A 76 5.92 4.12 26.05
N VAL A 79 10.15 3.94 24.28
CA VAL A 79 10.48 3.92 22.85
C VAL A 79 10.47 5.34 22.27
N PRO A 80 11.61 5.77 21.69
CA PRO A 80 11.67 7.12 21.11
C PRO A 80 11.12 7.13 19.70
N ILE A 81 10.41 8.21 19.34
CA ILE A 81 9.82 8.31 18.01
C ILE A 81 9.90 9.75 17.52
N ASN A 82 9.90 9.89 16.21
CA ASN A 82 9.81 11.19 15.57
C ASN A 82 8.79 11.10 14.44
N THR A 83 7.84 12.03 14.43
CA THR A 83 6.80 12.03 13.42
C THR A 83 7.06 13.16 12.43
N THR A 84 6.80 12.90 11.16
CA THR A 84 6.91 13.90 10.11
C THR A 84 5.60 13.94 9.35
N ILE A 85 5.08 15.14 9.09
CA ILE A 85 3.87 15.33 8.32
C ILE A 85 4.27 15.72 6.91
N LEU A 86 3.89 14.89 5.95
CA LEU A 86 4.29 15.04 4.55
C LEU A 86 3.11 15.52 3.71
N SER A 87 3.40 16.41 2.77
CA SER A 87 2.47 16.90 1.76
C SER A 87 1.11 17.26 2.35
N PRO A 88 1.07 18.11 3.37
CA PRO A 88 -0.21 18.49 3.97
C PRO A 88 -1.00 19.39 3.00
N HIS A 89 -2.26 19.04 2.79
CA HIS A 89 -3.18 19.82 2.00
CA HIS A 89 -3.17 19.85 2.00
C HIS A 89 -4.40 20.10 2.86
N VAL A 90 -4.75 21.38 3.01
CA VAL A 90 -5.91 21.78 3.80
C VAL A 90 -6.97 22.32 2.86
N HIS A 91 -8.15 21.67 2.86
CA HIS A 91 -9.36 22.16 2.20
C HIS A 91 -10.16 22.99 3.21
N VAL A 92 -10.19 24.30 3.00
CA VAL A 92 -11.02 25.18 3.81
C VAL A 92 -12.45 25.11 3.29
N LEU A 93 -13.38 24.71 4.16
CA LEU A 93 -14.78 24.46 3.80
C LEU A 93 -15.67 25.40 4.60
N GLY A 94 -15.62 26.69 4.30
CA GLY A 94 -16.40 27.66 5.05
C GLY A 94 -15.76 28.05 6.37
N GLU A 95 -16.50 28.85 7.12
CA GLU A 95 -15.95 29.42 8.35
C GLU A 95 -15.64 28.35 9.39
N ASP A 96 -16.50 27.35 9.51
CA ASP A 96 -16.48 26.44 10.65
C ASP A 96 -16.06 25.02 10.30
N ALA A 97 -15.49 24.80 9.12
CA ALA A 97 -15.13 23.45 8.70
C ALA A 97 -13.89 23.46 7.83
N ALA A 98 -13.08 22.42 7.99
CA ALA A 98 -11.92 22.23 7.14
C ALA A 98 -11.63 20.75 7.10
N CYS A 99 -10.91 20.36 6.06
CA CYS A 99 -10.41 19.01 5.95
C CYS A 99 -8.92 19.06 5.61
N ILE A 100 -8.14 18.19 6.23
CA ILE A 100 -6.70 18.15 6.00
C ILE A 100 -6.32 16.71 5.68
N CYS A 101 -5.39 16.55 4.74
CA CYS A 101 -4.92 15.23 4.37
C CYS A 101 -3.42 15.29 4.20
N TYR A 102 -2.75 14.22 4.59
CA TYR A 102 -1.31 14.22 4.72
C TYR A 102 -0.86 12.79 4.92
N MET A 103 0.42 12.57 4.69
CA MET A 103 1.05 11.32 5.06
C MET A 103 1.87 11.57 6.32
N ARG A 104 1.85 10.59 7.19
CA ARG A 104 2.53 10.65 8.47
C ARG A 104 3.60 9.58 8.46
N LEU A 105 4.85 10.02 8.61
CA LEU A 105 6.01 9.13 8.77
C LEU A 105 6.35 9.07 10.25
N THR A 106 6.45 7.86 10.78
CA THR A 106 6.82 7.63 12.18
C THR A 106 8.15 6.89 12.21
N GLN A 107 9.20 7.58 12.68
CA GLN A 107 10.48 6.95 12.97
C GLN A 107 10.51 6.43 14.40
N SER A 108 11.05 5.22 14.58
CA SER A 108 11.11 4.58 15.89
C SER A 108 12.32 3.66 15.97
N VAL A 109 12.68 3.28 17.20
CA VAL A 109 13.79 2.38 17.47
C VAL A 109 13.37 1.36 18.51
N ASN A 110 13.69 0.09 18.28
CA ASN A 110 13.33 -0.98 19.20
C ASN A 110 14.44 -1.19 20.23
N SER A 111 14.23 -2.15 21.14
CA SER A 111 15.26 -2.46 22.14
C SER A 111 16.58 -2.81 21.48
N SER A 112 16.54 -3.47 20.33
CA SER A 112 17.74 -3.88 19.60
C SER A 112 18.49 -2.71 18.96
N GLY A 113 18.05 -1.47 19.16
CA GLY A 113 18.67 -0.35 18.49
C GLY A 113 18.49 -0.35 16.98
N GLU A 114 17.48 -1.04 16.47
CA GLU A 114 17.21 -1.09 15.03
C GLU A 114 16.15 -0.05 14.68
N ALA A 115 16.46 0.80 13.70
CA ALA A 115 15.55 1.85 13.25
C ALA A 115 14.42 1.27 12.41
N LYS A 116 13.38 2.08 12.23
CA LYS A 116 12.21 1.63 11.49
C LYS A 116 11.32 2.83 11.18
N THR A 117 10.79 2.88 9.96
CA THR A 117 9.91 3.95 9.51
C THR A 117 8.59 3.35 9.05
N LEU A 118 7.50 3.84 9.60
CA LEU A 118 6.17 3.43 9.17
C LEU A 118 5.45 4.61 8.54
N GLN A 119 4.64 4.32 7.55
CA GLN A 119 3.91 5.35 6.84
C GLN A 119 2.43 5.07 6.91
N GLN A 120 1.66 6.11 7.27
CA GLN A 120 0.21 6.12 7.22
C GLN A 120 -0.24 7.32 6.40
N GLU A 121 -1.43 7.17 5.82
CA GLU A 121 -2.13 8.24 5.10
C GLU A 121 -3.35 8.60 5.91
N GLU A 122 -3.59 9.87 6.10
CA GLU A 122 -4.65 10.32 6.97
C GLU A 122 -5.43 11.46 6.35
N THR A 123 -6.70 11.42 6.62
CA THR A 123 -7.67 12.46 6.33
C THR A 123 -8.33 12.78 7.65
N ARG A 124 -8.40 14.05 8.01
CA ARG A 124 -9.05 14.52 9.23
C ARG A 124 -9.99 15.68 8.92
N VAL A 125 -11.24 15.54 9.32
CA VAL A 125 -12.25 16.57 9.11
C VAL A 125 -12.42 17.31 10.42
N TRP A 126 -12.20 18.63 10.36
CA TRP A 126 -12.28 19.53 11.49
C TRP A 126 -13.51 20.43 11.37
N GLN A 127 -14.22 20.60 12.48
CA GLN A 127 -15.42 21.43 12.53
C GLN A 127 -15.33 22.31 13.76
N LYS A 128 -15.62 23.60 13.59
CA LYS A 128 -15.60 24.54 14.70
C LYS A 128 -16.93 24.45 15.43
N LYS A 129 -16.90 23.93 16.65
CA LYS A 129 -18.10 23.70 17.45
C LYS A 129 -17.93 24.39 18.79
N GLY A 130 -18.76 25.38 19.06
CA GLY A 130 -18.60 26.16 20.27
C GLY A 130 -17.36 27.03 20.25
N GLY A 131 -16.97 27.51 19.07
CA GLY A 131 -15.75 28.27 18.92
C GLY A 131 -14.47 27.45 18.94
N ASN A 132 -14.53 26.18 19.29
CA ASN A 132 -13.36 25.32 19.33
C ASN A 132 -13.31 24.42 18.09
N TRP A 133 -12.11 24.19 17.58
CA TRP A 133 -11.93 23.29 16.46
C TRP A 133 -11.91 21.86 16.98
N ILE A 134 -12.87 21.04 16.54
CA ILE A 134 -12.98 19.65 16.97
C ILE A 134 -12.86 18.74 15.74
N ASN A 135 -12.19 17.60 15.92
CA ASN A 135 -11.97 16.63 14.84
C ASN A 135 -13.14 15.64 14.86
N VAL A 136 -14.01 15.71 13.85
CA VAL A 136 -15.26 14.97 13.88
C VAL A 136 -15.19 13.66 13.10
N HIS A 137 -14.17 13.46 12.28
CA HIS A 137 -14.03 12.22 11.52
C HIS A 137 -12.61 12.11 11.02
N PHE A 138 -12.05 10.91 11.08
CA PHE A 138 -10.76 10.71 10.46
C PHE A 138 -10.66 9.34 9.81
N HIS A 139 -9.81 9.27 8.80
CA HIS A 139 -9.64 8.07 8.00
C HIS A 139 -8.15 7.83 7.94
N ILE A 140 -7.73 6.64 8.33
CA ILE A 140 -6.32 6.29 8.40
C ILE A 140 -6.13 4.97 7.65
N SER A 141 -5.13 4.92 6.80
CA SER A 141 -4.82 3.71 6.07
C SER A 141 -3.31 3.57 5.95
N GLY A 142 -2.88 2.39 5.52
CA GLY A 142 -1.49 2.14 5.15
C GLY A 142 -1.39 1.34 3.86
N LYS A 143 -0.38 1.61 3.03
CA LYS A 143 -0.18 0.88 1.77
C LYS A 143 0.36 -0.55 1.99
N THR B 13 55.26 5.59 -21.26
CA THR B 13 54.62 6.29 -20.14
C THR B 13 53.53 5.39 -19.51
N ALA B 14 53.19 5.66 -18.25
CA ALA B 14 52.29 4.78 -17.51
C ALA B 14 50.89 4.79 -18.11
N LYS B 15 50.39 5.97 -18.45
CA LYS B 15 49.01 6.08 -18.91
C LYS B 15 48.81 5.51 -20.31
N VAL B 16 49.85 5.47 -21.13
CA VAL B 16 49.69 4.87 -22.44
C VAL B 16 49.51 3.37 -22.32
N ARG B 17 50.27 2.74 -21.42
CA ARG B 17 50.14 1.30 -21.24
C ARG B 17 48.78 0.94 -20.65
N GLU B 18 48.31 1.71 -19.69
CA GLU B 18 46.96 1.47 -19.18
C GLU B 18 45.96 1.50 -20.32
N GLN B 19 46.04 2.55 -21.15
CA GLN B 19 45.15 2.67 -22.30
C GLN B 19 45.26 1.46 -23.21
N GLU B 20 46.45 0.88 -23.30
CA GLU B 20 46.62 -0.27 -24.19
C GLU B 20 45.93 -1.50 -23.61
N ILE B 21 46.16 -1.77 -22.31
CA ILE B 21 45.51 -2.91 -21.66
C ILE B 21 44.00 -2.76 -21.73
N ILE B 22 43.49 -1.55 -21.48
CA ILE B 22 42.05 -1.33 -21.56
C ILE B 22 41.57 -1.59 -22.99
N ARG B 23 42.32 -1.14 -23.99
CA ARG B 23 41.93 -1.35 -25.37
C ARG B 23 41.87 -2.84 -25.69
N LEU B 24 42.90 -3.59 -25.30
CA LEU B 24 42.88 -5.03 -25.52
C LEU B 24 41.67 -5.67 -24.87
N THR B 25 41.34 -5.23 -23.66
CA THR B 25 40.24 -5.83 -22.91
C THR B 25 38.91 -5.57 -23.61
N GLN B 26 38.68 -4.31 -23.99
CA GLN B 26 37.50 -3.96 -24.77
C GLN B 26 37.43 -4.80 -26.05
N LYS B 27 38.57 -4.96 -26.72
CA LYS B 27 38.62 -5.82 -27.91
C LYS B 27 38.26 -7.26 -27.56
N LEU B 28 38.75 -7.75 -26.42
CA LEU B 28 38.44 -9.11 -25.99
C LEU B 28 36.97 -9.26 -25.60
N ILE B 29 36.42 -8.27 -24.87
CA ILE B 29 35.02 -8.40 -24.48
C ILE B 29 34.12 -8.31 -25.71
N THR B 30 34.48 -7.47 -26.68
CA THR B 30 33.70 -7.42 -27.91
C THR B 30 33.71 -8.77 -28.60
N SER B 31 34.87 -9.43 -28.69
CA SER B 31 34.90 -10.75 -29.31
C SER B 31 34.00 -11.74 -28.59
N ILE B 32 33.88 -11.61 -27.26
CA ILE B 32 33.04 -12.53 -26.50
C ILE B 32 31.58 -12.31 -26.84
N THR B 33 31.14 -11.05 -26.86
CA THR B 33 29.72 -10.76 -27.05
C THR B 33 29.26 -11.07 -28.48
N THR B 34 30.09 -10.79 -29.48
CA THR B 34 29.71 -11.08 -30.87
C THR B 34 30.03 -12.50 -31.29
N GLY B 35 30.54 -13.35 -30.40
CA GLY B 35 30.85 -14.71 -30.79
C GLY B 35 32.01 -14.85 -31.73
N ASP B 36 32.86 -13.84 -31.82
CA ASP B 36 34.00 -13.86 -32.74
C ASP B 36 35.14 -14.66 -32.15
N TYR B 37 35.14 -15.98 -32.38
CA TYR B 37 36.18 -16.82 -31.78
C TYR B 37 37.55 -16.63 -32.43
N ASP B 38 37.60 -16.10 -33.66
CA ASP B 38 38.91 -15.86 -34.27
C ASP B 38 39.67 -14.79 -33.49
N THR B 39 39.00 -13.71 -33.10
CA THR B 39 39.68 -12.70 -32.32
C THR B 39 39.98 -13.21 -30.91
N TYR B 40 39.03 -13.92 -30.30
CA TYR B 40 39.25 -14.47 -28.97
C TYR B 40 40.52 -15.33 -28.94
N SER B 41 40.65 -16.27 -29.89
CA SER B 41 41.75 -17.22 -29.89
C SER B 41 43.09 -16.57 -30.20
N LYS B 42 43.10 -15.37 -30.77
CA LYS B 42 44.35 -14.65 -30.93
C LYS B 42 44.75 -13.88 -29.68
N LEU B 43 43.79 -13.50 -28.84
CA LEU B 43 44.03 -12.69 -27.64
C LEU B 43 44.19 -13.51 -26.36
N VAL B 44 43.74 -14.76 -26.34
CA VAL B 44 43.72 -15.60 -25.16
C VAL B 44 44.68 -16.76 -25.36
N ASP B 45 45.57 -16.96 -24.41
CA ASP B 45 46.62 -17.96 -24.53
C ASP B 45 46.01 -19.35 -24.73
N PRO B 46 46.58 -20.19 -25.60
CA PRO B 46 46.09 -21.57 -25.72
C PRO B 46 46.15 -22.38 -24.43
N HIS B 47 47.02 -22.00 -23.48
CA HIS B 47 47.07 -22.62 -22.16
C HIS B 47 46.61 -21.64 -21.09
N VAL B 48 45.58 -20.85 -21.42
CA VAL B 48 44.98 -19.95 -20.46
C VAL B 48 44.39 -20.75 -19.30
N THR B 49 44.50 -20.21 -18.10
CA THR B 49 43.81 -20.77 -16.94
C THR B 49 42.71 -19.83 -16.54
N CYS B 50 41.71 -20.34 -15.83
CA CYS B 50 40.67 -19.42 -15.40
C CYS B 50 39.80 -20.03 -14.33
N PHE B 51 39.14 -19.13 -13.63
CA PHE B 51 38.05 -19.38 -12.69
C PHE B 51 36.86 -18.66 -13.25
N GLU B 52 35.72 -19.33 -13.36
CA GLU B 52 34.50 -18.68 -13.79
C GLU B 52 33.34 -19.52 -13.30
N PRO B 53 32.16 -18.94 -13.20
CA PRO B 53 31.02 -19.72 -12.64
C PRO B 53 30.79 -21.06 -13.32
N PHE B 54 30.99 -21.15 -14.65
CA PHE B 54 30.82 -22.44 -15.32
C PHE B 54 31.94 -23.43 -15.01
N SER B 55 32.99 -23.05 -14.31
CA SER B 55 34.02 -24.04 -13.99
C SER B 55 33.76 -24.71 -12.64
N ASN B 56 32.66 -24.36 -11.95
CA ASN B 56 32.22 -25.04 -10.73
C ASN B 56 33.33 -25.07 -9.68
N GLY B 57 33.91 -23.91 -9.43
CA GLY B 57 34.97 -23.76 -8.45
C GLY B 57 36.30 -24.32 -8.86
N ASN B 58 36.46 -24.75 -10.10
CA ASN B 58 37.73 -25.32 -10.51
C ASN B 58 38.52 -24.33 -11.36
N LEU B 59 39.83 -24.48 -11.31
CA LEU B 59 40.73 -23.81 -12.23
C LEU B 59 40.83 -24.68 -13.48
N VAL B 60 40.33 -24.18 -14.61
CA VAL B 60 40.33 -24.92 -15.87
C VAL B 60 41.38 -24.34 -16.77
N GLU B 61 42.01 -25.21 -17.55
CA GLU B 61 43.08 -24.82 -18.44
C GLU B 61 42.69 -25.13 -19.86
N GLY B 62 43.00 -24.21 -20.76
CA GLY B 62 42.90 -24.43 -22.19
C GLY B 62 41.80 -23.59 -22.82
N LEU B 63 41.90 -23.42 -24.14
CA LEU B 63 40.86 -22.69 -24.85
C LEU B 63 39.64 -23.54 -25.13
N GLU B 64 39.77 -24.87 -25.13
CA GLU B 64 38.66 -25.71 -25.54
C GLU B 64 37.43 -25.51 -24.66
N PHE B 65 37.65 -25.32 -23.35
CA PHE B 65 36.53 -25.10 -22.44
C PHE B 65 35.73 -23.86 -22.83
N HIS B 66 36.40 -22.83 -23.33
CA HIS B 66 35.70 -21.61 -23.75
C HIS B 66 35.17 -21.69 -25.17
N LYS B 67 35.94 -22.29 -26.08
CA LYS B 67 35.46 -22.51 -27.44
C LYS B 67 34.09 -23.15 -27.41
N PHE B 68 33.81 -23.95 -26.36
CA PHE B 68 32.52 -24.63 -26.29
C PHE B 68 31.36 -23.64 -26.32
N TYR B 69 31.51 -22.51 -25.64
CA TYR B 69 30.41 -21.54 -25.61
C TYR B 69 30.33 -20.74 -26.89
N PHE B 70 31.47 -20.49 -27.54
CA PHE B 70 31.44 -19.82 -28.83
C PHE B 70 30.65 -20.65 -29.85
N ASP B 71 30.82 -21.98 -29.82
CA ASP B 71 30.20 -22.82 -30.82
C ASP B 71 28.76 -23.17 -30.49
N ASN B 72 28.31 -22.96 -29.25
CA ASN B 72 26.98 -23.40 -28.82
C ASN B 72 26.13 -22.34 -28.14
N THR B 73 26.70 -21.23 -27.68
CA THR B 73 25.91 -20.19 -27.03
C THR B 73 26.21 -18.80 -27.58
N LEU B 74 27.45 -18.32 -27.40
CA LEU B 74 27.79 -16.95 -27.77
C LEU B 74 27.49 -16.65 -29.24
N SER B 75 27.62 -17.64 -30.11
CA SER B 75 27.34 -17.46 -31.53
C SER B 75 25.87 -17.71 -31.85
N LYS B 76 25.16 -18.44 -30.99
CA LYS B 76 23.71 -18.59 -31.08
C LYS B 76 22.96 -17.46 -30.38
N ARG B 77 23.65 -16.36 -30.10
CA ARG B 77 23.01 -15.20 -29.49
C ARG B 77 21.88 -14.69 -30.39
N SER B 78 20.69 -14.57 -29.78
CA SER B 78 19.51 -14.06 -30.48
C SER B 78 18.87 -12.92 -29.69
N VAL B 79 19.64 -12.28 -28.82
CA VAL B 79 19.13 -11.25 -27.92
C VAL B 79 20.02 -10.02 -28.06
N PRO B 80 19.46 -8.81 -28.04
CA PRO B 80 20.30 -7.61 -28.02
C PRO B 80 20.87 -7.37 -26.63
N ILE B 81 22.12 -6.91 -26.59
CA ILE B 81 22.77 -6.61 -25.33
C ILE B 81 23.61 -5.35 -25.46
N ASN B 82 23.97 -4.81 -24.30
CA ASN B 82 24.95 -3.74 -24.23
C ASN B 82 25.84 -4.03 -23.03
N THR B 83 27.14 -3.86 -23.18
CA THR B 83 28.09 -4.12 -22.10
C THR B 83 28.72 -2.83 -21.63
N THR B 84 28.78 -2.65 -20.32
CA THR B 84 29.49 -1.52 -19.74
C THR B 84 30.61 -2.04 -18.84
N ILE B 85 31.77 -1.40 -18.95
CA ILE B 85 32.95 -1.74 -18.15
C ILE B 85 33.10 -0.64 -17.12
N LEU B 86 33.06 -1.02 -15.85
CA LEU B 86 33.03 -0.08 -14.73
C LEU B 86 34.34 -0.13 -13.97
N SER B 87 34.82 1.06 -13.59
CA SER B 87 35.95 1.22 -12.69
C SER B 87 37.14 0.33 -13.10
N PRO B 88 37.55 0.37 -14.36
CA PRO B 88 38.71 -0.44 -14.77
C PRO B 88 39.95 0.06 -14.06
N HIS B 89 40.70 -0.89 -13.51
CA HIS B 89 41.95 -0.58 -12.84
C HIS B 89 43.01 -1.48 -13.46
N VAL B 90 44.05 -0.85 -14.01
CA VAL B 90 45.18 -1.57 -14.59
C VAL B 90 46.37 -1.47 -13.64
N HIS B 91 46.95 -2.63 -13.33
CA HIS B 91 48.25 -2.73 -12.68
C HIS B 91 49.25 -3.01 -13.78
N VAL B 92 50.10 -2.01 -14.05
CA VAL B 92 51.25 -2.19 -14.92
C VAL B 92 52.32 -2.92 -14.10
N LEU B 93 52.56 -4.19 -14.41
CA LEU B 93 53.41 -5.03 -13.58
C LEU B 93 54.86 -4.98 -14.01
N GLY B 94 55.08 -4.93 -15.31
CA GLY B 94 56.41 -4.81 -15.84
C GLY B 94 56.33 -4.43 -17.28
N GLU B 95 57.44 -4.57 -17.98
CA GLU B 95 57.43 -4.33 -19.41
C GLU B 95 56.44 -5.26 -20.09
N ASP B 96 56.45 -6.54 -19.71
CA ASP B 96 55.76 -7.58 -20.47
C ASP B 96 54.59 -8.18 -19.71
N ALA B 97 54.01 -7.45 -18.77
CA ALA B 97 52.94 -8.01 -17.97
C ALA B 97 52.06 -6.90 -17.41
N ALA B 98 50.77 -7.20 -17.33
CA ALA B 98 49.82 -6.26 -16.75
C ALA B 98 48.67 -7.05 -16.16
N CYS B 99 47.91 -6.39 -15.30
CA CYS B 99 46.72 -7.00 -14.75
C CYS B 99 45.62 -5.95 -14.79
N ILE B 100 44.42 -6.32 -15.25
CA ILE B 100 43.30 -5.41 -15.30
C ILE B 100 42.14 -5.99 -14.52
N CYS B 101 41.47 -5.13 -13.75
CA CYS B 101 40.37 -5.49 -12.88
C CYS B 101 39.20 -4.57 -13.19
N TYR B 102 38.01 -5.13 -13.37
CA TYR B 102 36.87 -4.30 -13.74
C TYR B 102 35.60 -5.06 -13.44
N MET B 103 34.50 -4.31 -13.47
CA MET B 103 33.18 -4.88 -13.39
C MET B 103 32.50 -4.73 -14.74
N ARG B 104 31.74 -5.73 -15.11
CA ARG B 104 31.08 -5.81 -16.40
C ARG B 104 29.57 -5.86 -16.16
N LEU B 105 28.87 -4.79 -16.59
CA LEU B 105 27.41 -4.76 -16.63
C LEU B 105 26.94 -5.16 -18.01
N THR B 106 26.09 -6.16 -18.07
CA THR B 106 25.46 -6.61 -19.31
C THR B 106 23.96 -6.36 -19.22
N GLN B 107 23.45 -5.44 -20.04
CA GLN B 107 22.01 -5.24 -20.20
C GLN B 107 21.47 -6.12 -21.33
N SER B 108 20.27 -6.68 -21.11
CA SER B 108 19.64 -7.51 -22.12
C SER B 108 18.12 -7.40 -21.98
N VAL B 109 17.42 -8.01 -22.94
CA VAL B 109 15.95 -8.03 -22.98
C VAL B 109 15.52 -9.43 -23.40
N ASN B 110 14.53 -9.99 -22.70
CA ASN B 110 14.09 -11.35 -22.96
C ASN B 110 13.11 -11.38 -24.15
N SER B 111 12.55 -12.57 -24.40
CA SER B 111 11.66 -12.75 -25.55
C SER B 111 10.42 -11.87 -25.45
N SER B 112 9.92 -11.64 -24.24
CA SER B 112 8.69 -10.87 -24.07
C SER B 112 8.94 -9.37 -24.21
N GLY B 113 10.05 -8.88 -23.67
CA GLY B 113 10.38 -7.46 -23.74
C GLY B 113 10.80 -6.87 -22.41
N GLU B 114 11.10 -7.74 -21.46
CA GLU B 114 11.50 -7.32 -20.12
C GLU B 114 13.02 -7.26 -20.04
N ALA B 115 13.53 -6.12 -19.56
CA ALA B 115 14.96 -5.88 -19.52
C ALA B 115 15.55 -6.37 -18.19
N LYS B 116 16.82 -6.78 -18.24
CA LYS B 116 17.54 -7.17 -17.04
C LYS B 116 19.01 -6.79 -17.16
N THR B 117 19.66 -6.69 -16.00
CA THR B 117 21.05 -6.32 -15.92
C THR B 117 21.78 -7.33 -15.06
N LEU B 118 22.87 -7.87 -15.58
CA LEU B 118 23.73 -8.77 -14.83
C LEU B 118 25.09 -8.12 -14.62
N GLN B 119 25.70 -8.44 -13.48
CA GLN B 119 27.00 -7.93 -13.12
C GLN B 119 27.98 -9.07 -12.92
N GLN B 120 29.19 -8.89 -13.42
CA GLN B 120 30.29 -9.80 -13.20
C GLN B 120 31.52 -8.98 -12.84
N GLU B 121 32.37 -9.58 -12.02
CA GLU B 121 33.65 -9.01 -11.65
C GLU B 121 34.73 -9.83 -12.33
N GLU B 122 35.69 -9.15 -12.94
CA GLU B 122 36.68 -9.86 -13.73
C GLU B 122 38.07 -9.34 -13.43
N THR B 123 39.01 -10.27 -13.30
CA THR B 123 40.44 -9.96 -13.29
C THR B 123 41.04 -10.64 -14.52
N ARG B 124 41.83 -9.90 -15.29
CA ARG B 124 42.50 -10.48 -16.45
C ARG B 124 43.98 -10.16 -16.38
N VAL B 125 44.81 -11.19 -16.49
CA VAL B 125 46.26 -11.04 -16.49
C VAL B 125 46.75 -11.14 -17.93
N TRP B 126 47.50 -10.12 -18.36
CA TRP B 126 48.01 -10.00 -19.71
C TRP B 126 49.52 -10.12 -19.69
N GLN B 127 50.06 -10.89 -20.62
CA GLN B 127 51.49 -11.04 -20.77
C GLN B 127 51.89 -10.79 -22.22
N LYS B 128 53.01 -10.09 -22.41
CA LYS B 128 53.51 -9.78 -23.75
C LYS B 128 54.46 -10.88 -24.17
N LYS B 129 54.02 -11.74 -25.08
CA LYS B 129 54.75 -12.94 -25.48
C LYS B 129 55.01 -12.87 -26.97
N GLY B 130 56.28 -12.80 -27.34
CA GLY B 130 56.64 -12.59 -28.73
C GLY B 130 56.23 -11.22 -29.23
N GLY B 131 56.33 -10.21 -28.38
CA GLY B 131 55.90 -8.87 -28.73
C GLY B 131 54.39 -8.68 -28.83
N ASN B 132 53.59 -9.68 -28.48
CA ASN B 132 52.14 -9.59 -28.56
C ASN B 132 51.50 -9.86 -27.21
N TRP B 133 50.51 -9.05 -26.87
CA TRP B 133 49.83 -9.18 -25.59
C TRP B 133 48.85 -10.35 -25.62
N ILE B 134 48.97 -11.24 -24.62
CA ILE B 134 48.11 -12.40 -24.51
C ILE B 134 47.51 -12.46 -23.11
N ASN B 135 46.22 -12.76 -23.04
CA ASN B 135 45.54 -12.97 -21.76
C ASN B 135 45.81 -14.40 -21.29
N VAL B 136 46.64 -14.53 -20.25
CA VAL B 136 47.11 -15.84 -19.80
C VAL B 136 46.30 -16.38 -18.64
N HIS B 137 45.54 -15.54 -17.94
CA HIS B 137 44.71 -15.99 -16.84
C HIS B 137 43.57 -15.00 -16.62
N PHE B 138 42.41 -15.52 -16.26
CA PHE B 138 41.32 -14.64 -15.89
C PHE B 138 40.44 -15.29 -14.84
N HIS B 139 39.79 -14.44 -14.08
CA HIS B 139 39.01 -14.84 -12.91
C HIS B 139 37.70 -14.07 -12.99
N ILE B 140 36.60 -14.77 -13.13
CA ILE B 140 35.28 -14.17 -13.27
C ILE B 140 34.40 -14.69 -12.16
N SER B 141 33.59 -13.79 -11.60
CA SER B 141 32.58 -14.21 -10.63
C SER B 141 31.45 -13.19 -10.63
N GLY B 142 30.41 -13.50 -9.84
CA GLY B 142 29.30 -12.60 -9.63
C GLY B 142 29.03 -12.39 -8.14
N THR C 13 -34.17 19.88 8.20
CA THR C 13 -33.17 20.32 7.24
C THR C 13 -31.86 19.55 7.43
N ALA C 14 -31.59 19.12 8.67
CA ALA C 14 -30.41 18.29 8.90
C ALA C 14 -30.48 17.00 8.10
N LYS C 15 -31.65 16.35 8.10
CA LYS C 15 -31.81 15.10 7.36
C LYS C 15 -31.94 15.35 5.86
N VAL C 16 -32.53 16.46 5.46
CA VAL C 16 -32.61 16.78 4.03
C VAL C 16 -31.21 16.88 3.45
N ARG C 17 -30.33 17.59 4.15
CA ARG C 17 -28.95 17.72 3.69
C ARG C 17 -28.26 16.37 3.65
N GLU C 18 -28.51 15.53 4.66
CA GLU C 18 -27.95 14.19 4.64
C GLU C 18 -28.40 13.43 3.39
N GLN C 19 -29.69 13.50 3.06
CA GLN C 19 -30.20 12.76 1.90
C GLN C 19 -29.64 13.34 0.60
N GLU C 20 -29.48 14.66 0.54
CA GLU C 20 -28.86 15.27 -0.63
C GLU C 20 -27.44 14.75 -0.85
N ILE C 21 -26.64 14.59 0.22
CA ILE C 21 -25.28 14.11 0.04
C ILE C 21 -25.27 12.63 -0.31
N ILE C 22 -26.21 11.87 0.26
CA ILE C 22 -26.30 10.45 -0.08
C ILE C 22 -26.75 10.29 -1.53
N ARG C 23 -27.61 11.18 -2.02
CA ARG C 23 -28.02 11.12 -3.42
C ARG C 23 -26.83 11.36 -4.34
N LEU C 24 -26.11 12.47 -4.12
CA LEU C 24 -24.93 12.77 -4.90
C LEU C 24 -23.91 11.63 -4.86
N THR C 25 -23.75 10.99 -3.70
CA THR C 25 -22.74 9.95 -3.56
C THR C 25 -23.12 8.71 -4.34
N GLN C 26 -24.38 8.28 -4.20
CA GLN C 26 -24.91 7.21 -5.04
C GLN C 26 -24.69 7.52 -6.50
N LYS C 27 -25.03 8.75 -6.91
CA LYS C 27 -24.85 9.17 -8.29
C LYS C 27 -23.39 9.09 -8.70
N LEU C 28 -22.48 9.49 -7.82
CA LEU C 28 -21.05 9.39 -8.14
C LEU C 28 -20.60 7.94 -8.31
N ILE C 29 -21.03 7.05 -7.41
CA ILE C 29 -20.57 5.66 -7.45
C ILE C 29 -21.12 4.93 -8.67
N THR C 30 -22.38 5.18 -9.02
CA THR C 30 -22.90 4.68 -10.28
C THR C 30 -22.04 5.13 -11.45
N SER C 31 -21.61 6.39 -11.48
CA SER C 31 -20.80 6.88 -12.60
C SER C 31 -19.48 6.12 -12.69
N ILE C 32 -18.97 5.65 -11.54
CA ILE C 32 -17.73 4.87 -11.53
C ILE C 32 -17.98 3.48 -12.10
N THR C 33 -19.01 2.79 -11.58
CA THR C 33 -19.26 1.44 -12.04
C THR C 33 -19.74 1.39 -13.50
N THR C 34 -20.40 2.44 -13.97
CA THR C 34 -20.83 2.53 -15.37
C THR C 34 -19.69 2.87 -16.32
N GLY C 35 -18.60 3.44 -15.83
CA GLY C 35 -17.61 4.01 -16.73
C GLY C 35 -18.02 5.33 -17.32
N ASP C 36 -18.89 6.07 -16.64
CA ASP C 36 -19.47 7.32 -17.11
C ASP C 36 -18.63 8.49 -16.58
N TYR C 37 -17.56 8.78 -17.30
CA TYR C 37 -16.65 9.82 -16.88
C TYR C 37 -17.26 11.21 -16.98
N ASP C 38 -18.25 11.40 -17.84
CA ASP C 38 -18.88 12.70 -17.96
C ASP C 38 -19.55 13.11 -16.66
N THR C 39 -20.33 12.20 -16.09
CA THR C 39 -20.94 12.47 -14.80
C THR C 39 -19.89 12.60 -13.70
N TYR C 40 -18.89 11.71 -13.70
CA TYR C 40 -17.85 11.76 -12.67
C TYR C 40 -17.14 13.11 -12.69
N SER C 41 -16.70 13.55 -13.86
CA SER C 41 -15.98 14.81 -14.02
C SER C 41 -16.83 16.03 -13.72
N LYS C 42 -18.13 15.87 -13.62
CA LYS C 42 -18.99 16.98 -13.20
C LYS C 42 -19.21 17.00 -11.69
N LEU C 43 -19.09 15.86 -11.01
CA LEU C 43 -19.29 15.78 -9.57
C LEU C 43 -17.97 15.87 -8.79
N VAL C 44 -16.82 15.68 -9.45
CA VAL C 44 -15.52 15.65 -8.80
C VAL C 44 -14.69 16.83 -9.28
N ASP C 45 -14.03 17.48 -8.32
CA ASP C 45 -13.30 18.71 -8.62
C ASP C 45 -12.15 18.46 -9.59
N PRO C 46 -11.86 19.41 -10.49
CA PRO C 46 -10.67 19.24 -11.34
C PRO C 46 -9.37 19.23 -10.56
N HIS C 47 -9.36 19.71 -9.32
CA HIS C 47 -8.18 19.66 -8.47
C HIS C 47 -8.43 18.81 -7.21
N VAL C 48 -9.22 17.74 -7.38
CA VAL C 48 -9.52 16.83 -6.28
C VAL C 48 -8.24 16.24 -5.72
N THR C 49 -8.21 16.03 -4.42
CA THR C 49 -7.10 15.29 -3.82
C THR C 49 -7.65 13.95 -3.38
N CYS C 50 -6.79 12.96 -3.32
CA CYS C 50 -7.27 11.67 -2.88
C CYS C 50 -6.16 10.78 -2.38
N PHE C 51 -6.55 9.85 -1.53
CA PHE C 51 -5.76 8.68 -1.19
C PHE C 51 -6.53 7.47 -1.71
N GLU C 52 -5.87 6.59 -2.44
CA GLU C 52 -6.52 5.34 -2.82
C GLU C 52 -5.44 4.30 -3.02
N PRO C 53 -5.81 3.01 -2.99
CA PRO C 53 -4.77 1.97 -3.05
C PRO C 53 -3.84 2.11 -4.23
N PHE C 54 -4.36 2.49 -5.40
CA PHE C 54 -3.50 2.74 -6.56
C PHE C 54 -2.65 3.99 -6.43
N SER C 55 -2.90 4.88 -5.48
CA SER C 55 -1.98 6.01 -5.36
C SER C 55 -0.73 5.61 -4.59
N ASN C 56 -0.69 4.38 -4.07
CA ASN C 56 0.51 3.79 -3.45
C ASN C 56 1.00 4.59 -2.24
N GLY C 57 0.06 5.09 -1.44
CA GLY C 57 0.39 5.81 -0.24
C GLY C 57 0.60 7.31 -0.44
N ASN C 58 0.39 7.81 -1.65
CA ASN C 58 0.60 9.23 -1.92
C ASN C 58 -0.71 9.95 -2.06
N LEU C 59 -0.70 11.22 -1.70
CA LEU C 59 -1.81 12.10 -2.02
C LEU C 59 -1.66 12.54 -3.47
N VAL C 60 -2.64 12.24 -4.31
CA VAL C 60 -2.58 12.64 -5.71
C VAL C 60 -3.64 13.70 -5.91
N GLU C 61 -3.37 14.61 -6.82
CA GLU C 61 -4.22 15.71 -7.19
C GLU C 61 -4.62 15.58 -8.65
N GLY C 62 -5.87 15.89 -8.94
CA GLY C 62 -6.31 16.01 -10.30
C GLY C 62 -7.12 14.82 -10.79
N LEU C 63 -7.94 15.09 -11.79
CA LEU C 63 -8.82 14.09 -12.37
C LEU C 63 -8.08 13.13 -13.28
N GLU C 64 -6.96 13.53 -13.85
CA GLU C 64 -6.30 12.69 -14.83
C GLU C 64 -5.94 11.33 -14.24
N PHE C 65 -5.47 11.31 -13.00
CA PHE C 65 -5.14 10.05 -12.37
C PHE C 65 -6.32 9.08 -12.41
N HIS C 66 -7.52 9.61 -12.25
CA HIS C 66 -8.73 8.81 -12.24
C HIS C 66 -9.30 8.57 -13.63
N LYS C 67 -9.18 9.55 -14.53
CA LYS C 67 -9.55 9.38 -15.92
C LYS C 67 -8.83 8.19 -16.54
N PHE C 68 -7.61 7.90 -16.10
CA PHE C 68 -6.89 6.75 -16.63
C PHE C 68 -7.69 5.46 -16.50
N TYR C 69 -8.44 5.30 -15.38
CA TYR C 69 -9.20 4.07 -15.18
C TYR C 69 -10.49 4.09 -15.96
N PHE C 70 -11.12 5.26 -16.10
CA PHE C 70 -12.31 5.33 -16.92
C PHE C 70 -12.00 4.96 -18.37
N ASP C 71 -10.81 5.32 -18.88
CA ASP C 71 -10.45 5.08 -20.26
C ASP C 71 -9.90 3.69 -20.53
N ASN C 72 -9.30 3.03 -19.52
CA ASN C 72 -8.63 1.76 -19.77
C ASN C 72 -9.13 0.61 -18.91
N THR C 73 -10.26 0.75 -18.23
CA THR C 73 -10.75 -0.31 -17.36
C THR C 73 -12.26 -0.26 -17.17
N LEU C 74 -12.75 0.79 -16.49
CA LEU C 74 -14.14 0.82 -16.06
C LEU C 74 -15.12 0.73 -17.22
N SER C 75 -14.72 1.16 -18.42
CA SER C 75 -15.58 1.07 -19.60
C SER C 75 -15.51 -0.29 -20.28
N LYS C 76 -15.17 -1.35 -19.53
CA LYS C 76 -15.07 -2.70 -20.06
C LYS C 76 -15.59 -3.72 -19.04
N VAL C 79 -18.20 -6.90 -17.77
CA VAL C 79 -18.37 -7.57 -16.48
C VAL C 79 -19.56 -7.00 -15.72
N PRO C 80 -20.42 -7.87 -15.19
CA PRO C 80 -21.52 -7.40 -14.35
C PRO C 80 -21.06 -7.19 -12.91
N ILE C 81 -21.60 -6.16 -12.26
CA ILE C 81 -21.27 -5.87 -10.88
C ILE C 81 -22.49 -5.29 -10.19
N ASN C 82 -22.48 -5.36 -8.86
CA ASN C 82 -23.49 -4.70 -8.04
C ASN C 82 -22.77 -4.09 -6.86
N THR C 83 -23.12 -2.85 -6.54
CA THR C 83 -22.50 -2.14 -5.43
C THR C 83 -23.51 -1.97 -4.32
N THR C 84 -23.01 -2.08 -3.09
CA THR C 84 -23.83 -1.84 -1.92
C THR C 84 -23.10 -0.83 -1.04
N ILE C 85 -23.83 0.16 -0.56
CA ILE C 85 -23.28 1.18 0.32
C ILE C 85 -23.79 0.88 1.72
N LEU C 86 -22.85 0.71 2.65
CA LEU C 86 -23.13 0.28 4.01
C LEU C 86 -22.83 1.37 5.03
N SER C 87 -23.74 1.47 6.02
CA SER C 87 -23.65 2.37 7.18
C SER C 87 -23.16 3.75 6.77
N PRO C 88 -23.79 4.36 5.78
CA PRO C 88 -23.42 5.73 5.41
C PRO C 88 -23.70 6.66 6.57
N HIS C 89 -22.72 7.52 6.86
CA HIS C 89 -22.84 8.55 7.88
C HIS C 89 -22.39 9.85 7.25
N VAL C 90 -23.22 10.88 7.38
CA VAL C 90 -22.98 12.20 6.82
C VAL C 90 -22.74 13.17 7.96
N HIS C 91 -21.58 13.81 7.96
CA HIS C 91 -21.35 14.95 8.83
C HIS C 91 -21.73 16.20 8.05
N VAL C 92 -22.75 16.90 8.52
CA VAL C 92 -23.06 18.23 7.99
C VAL C 92 -22.11 19.21 8.65
N LEU C 93 -21.32 19.91 7.84
CA LEU C 93 -20.23 20.74 8.34
C LEU C 93 -20.54 22.22 8.31
N GLY C 94 -21.55 22.61 7.55
CA GLY C 94 -21.99 23.98 7.49
C GLY C 94 -22.98 24.11 6.36
N GLU C 95 -23.19 25.34 5.92
CA GLU C 95 -24.07 25.55 4.77
C GLU C 95 -23.48 24.92 3.52
N ASP C 96 -22.16 25.00 3.34
CA ASP C 96 -21.55 24.71 2.05
C ASP C 96 -20.57 23.53 2.10
N ALA C 97 -20.70 22.64 3.08
CA ALA C 97 -19.74 21.56 3.20
C ALA C 97 -20.35 20.39 3.96
N ALA C 98 -19.93 19.19 3.57
CA ALA C 98 -20.34 17.97 4.24
C ALA C 98 -19.29 16.90 3.99
N CYS C 99 -19.26 15.95 4.88
CA CYS C 99 -18.44 14.76 4.77
C CYS C 99 -19.34 13.55 4.80
N ILE C 100 -19.06 12.56 3.98
CA ILE C 100 -19.81 11.30 3.99
C ILE C 100 -18.82 10.16 4.01
N CYS C 101 -19.05 9.20 4.89
CA CYS C 101 -18.17 8.05 5.00
C CYS C 101 -18.99 6.78 5.05
N TYR C 102 -18.51 5.75 4.39
CA TYR C 102 -19.32 4.56 4.18
C TYR C 102 -18.40 3.42 3.78
N MET C 103 -18.95 2.22 3.84
CA MET C 103 -18.24 1.08 3.28
C MET C 103 -18.93 0.71 1.96
N ARG C 104 -18.17 0.13 1.05
CA ARG C 104 -18.68 -0.16 -0.27
C ARG C 104 -18.35 -1.60 -0.60
N LEU C 105 -19.37 -2.39 -0.90
CA LEU C 105 -19.20 -3.77 -1.35
C LEU C 105 -19.45 -3.82 -2.85
N THR C 106 -18.53 -4.43 -3.57
CA THR C 106 -18.64 -4.62 -5.01
C THR C 106 -18.69 -6.11 -5.28
N GLN C 107 -19.88 -6.60 -5.63
CA GLN C 107 -20.04 -7.96 -6.15
C GLN C 107 -19.70 -8.01 -7.64
N SER C 108 -18.98 -9.06 -8.05
CA SER C 108 -18.60 -9.21 -9.45
C SER C 108 -18.35 -10.68 -9.75
N VAL C 109 -18.23 -10.98 -11.05
CA VAL C 109 -17.96 -12.33 -11.55
C VAL C 109 -16.74 -12.29 -12.45
N ASN C 110 -16.04 -13.43 -12.54
CA ASN C 110 -14.73 -13.49 -13.17
C ASN C 110 -14.76 -14.04 -14.60
N SER C 111 -15.93 -14.07 -15.25
CA SER C 111 -16.08 -14.57 -16.62
C SER C 111 -15.94 -16.10 -16.68
N SER C 112 -15.53 -16.71 -15.57
CA SER C 112 -15.55 -18.16 -15.41
C SER C 112 -16.75 -18.64 -14.60
N GLY C 113 -17.55 -17.71 -14.07
CA GLY C 113 -18.76 -18.05 -13.33
C GLY C 113 -18.63 -17.98 -11.83
N GLU C 114 -17.51 -17.49 -11.31
CA GLU C 114 -17.26 -17.43 -9.88
C GLU C 114 -17.44 -16.00 -9.38
N ALA C 115 -18.17 -15.85 -8.27
CA ALA C 115 -18.44 -14.55 -7.68
C ALA C 115 -17.36 -14.19 -6.65
N LYS C 116 -17.15 -12.89 -6.50
CA LYS C 116 -16.26 -12.35 -5.48
C LYS C 116 -16.88 -11.06 -4.97
N THR C 117 -16.63 -10.76 -3.71
CA THR C 117 -17.03 -9.51 -3.09
C THR C 117 -15.77 -8.81 -2.58
N LEU C 118 -15.58 -7.59 -3.01
CA LEU C 118 -14.50 -6.74 -2.51
C LEU C 118 -15.12 -5.63 -1.65
N GLN C 119 -14.39 -5.25 -0.60
CA GLN C 119 -14.82 -4.22 0.32
C GLN C 119 -13.82 -3.08 0.35
N GLN C 120 -14.34 -1.86 0.29
CA GLN C 120 -13.54 -0.65 0.44
C GLN C 120 -14.20 0.29 1.42
N GLU C 121 -13.39 1.10 2.07
CA GLU C 121 -13.87 2.10 3.01
C GLU C 121 -13.60 3.45 2.40
N GLU C 122 -14.63 4.31 2.38
CA GLU C 122 -14.54 5.57 1.66
C GLU C 122 -14.92 6.72 2.55
N THR C 123 -14.12 7.77 2.45
CA THR C 123 -14.48 9.07 2.96
C THR C 123 -14.53 10.02 1.77
N ARG C 124 -15.59 10.80 1.68
CA ARG C 124 -15.70 11.80 0.62
C ARG C 124 -16.13 13.12 1.23
N VAL C 125 -15.42 14.18 0.88
CA VAL C 125 -15.70 15.53 1.35
C VAL C 125 -16.36 16.29 0.23
N TRP C 126 -17.56 16.78 0.49
CA TRP C 126 -18.33 17.54 -0.46
C TRP C 126 -18.34 19.01 -0.08
N GLN C 127 -18.15 19.87 -1.07
CA GLN C 127 -18.18 21.31 -0.88
C GLN C 127 -19.12 21.93 -1.92
N LYS C 128 -19.92 22.88 -1.49
CA LYS C 128 -20.82 23.58 -2.38
C LYS C 128 -20.09 24.80 -2.93
N LYS C 129 -19.76 24.75 -4.23
CA LYS C 129 -19.05 25.82 -4.91
C LYS C 129 -19.96 26.35 -6.01
N GLY C 130 -20.34 27.62 -5.92
CA GLY C 130 -21.27 28.18 -6.89
C GLY C 130 -22.65 27.58 -6.79
N GLY C 131 -23.04 27.13 -5.60
CA GLY C 131 -24.31 26.47 -5.43
C GLY C 131 -24.35 25.03 -5.85
N ASN C 132 -23.24 24.50 -6.38
CA ASN C 132 -23.16 23.11 -6.79
C ASN C 132 -22.25 22.30 -5.88
N TRP C 133 -22.70 21.12 -5.52
CA TRP C 133 -21.93 20.23 -4.67
C TRP C 133 -20.85 19.54 -5.49
N ILE C 134 -19.60 19.64 -5.02
CA ILE C 134 -18.44 19.05 -5.68
C ILE C 134 -17.63 18.25 -4.67
N ASN C 135 -17.08 17.13 -5.12
CA ASN C 135 -16.26 16.24 -4.31
C ASN C 135 -14.80 16.73 -4.39
N VAL C 136 -14.32 17.33 -3.31
CA VAL C 136 -13.01 17.97 -3.31
C VAL C 136 -11.92 17.08 -2.74
N HIS C 137 -12.29 16.06 -1.97
CA HIS C 137 -11.30 15.14 -1.46
C HIS C 137 -11.97 13.80 -1.19
N PHE C 138 -11.26 12.72 -1.45
CA PHE C 138 -11.77 11.44 -1.02
C PHE C 138 -10.62 10.53 -0.66
N HIS C 139 -10.93 9.60 0.25
CA HIS C 139 -9.96 8.69 0.84
C HIS C 139 -10.59 7.31 0.73
N ILE C 140 -9.89 6.39 0.08
CA ILE C 140 -10.36 5.03 -0.13
C ILE C 140 -9.30 4.08 0.39
N SER C 141 -9.72 3.10 1.17
CA SER C 141 -8.78 2.07 1.63
C SER C 141 -9.48 0.72 1.58
N GLY C 142 -8.67 -0.33 1.73
CA GLY C 142 -9.16 -1.70 1.76
C GLY C 142 -8.59 -2.49 2.93
N THR D 13 -51.75 -27.34 15.76
CA THR D 13 -50.76 -27.84 16.71
C THR D 13 -49.36 -27.39 16.33
N ALA D 14 -48.39 -27.72 17.20
CA ALA D 14 -47.01 -27.30 16.99
C ALA D 14 -46.39 -27.97 15.78
N LYS D 15 -46.58 -29.29 15.65
CA LYS D 15 -45.93 -30.04 14.57
C LYS D 15 -46.28 -29.49 13.20
N VAL D 16 -47.55 -29.11 13.00
CA VAL D 16 -47.95 -28.57 11.70
C VAL D 16 -47.21 -27.27 11.42
N ARG D 17 -47.11 -26.40 12.44
CA ARG D 17 -46.38 -25.16 12.26
C ARG D 17 -44.93 -25.44 11.89
N GLU D 18 -44.30 -26.38 12.56
CA GLU D 18 -42.94 -26.75 12.19
C GLU D 18 -42.89 -27.26 10.76
N GLN D 19 -43.91 -27.99 10.32
CA GLN D 19 -43.91 -28.52 8.96
C GLN D 19 -44.08 -27.40 7.95
N GLU D 20 -44.91 -26.41 8.27
CA GLU D 20 -45.10 -25.30 7.37
C GLU D 20 -43.79 -24.55 7.16
N ILE D 21 -43.06 -24.27 8.26
CA ILE D 21 -41.77 -23.59 8.16
C ILE D 21 -40.79 -24.42 7.35
N ILE D 22 -40.74 -25.73 7.61
CA ILE D 22 -39.81 -26.58 6.87
C ILE D 22 -40.19 -26.62 5.41
N ARG D 23 -41.49 -26.56 5.10
CA ARG D 23 -41.91 -26.55 3.70
C ARG D 23 -41.47 -25.26 3.03
N LEU D 24 -41.82 -24.12 3.63
CA LEU D 24 -41.39 -22.83 3.10
C LEU D 24 -39.88 -22.81 2.86
N THR D 25 -39.11 -23.26 3.85
CA THR D 25 -37.66 -23.29 3.71
C THR D 25 -37.25 -24.20 2.57
N GLN D 26 -37.85 -25.39 2.49
CA GLN D 26 -37.57 -26.28 1.36
C GLN D 26 -37.86 -25.56 0.05
N LYS D 27 -39.01 -24.90 -0.05
CA LYS D 27 -39.34 -24.18 -1.28
C LYS D 27 -38.39 -23.00 -1.48
N LEU D 28 -38.02 -22.31 -0.40
CA LEU D 28 -37.02 -21.24 -0.51
C LEU D 28 -35.70 -21.77 -1.04
N ILE D 29 -35.18 -22.85 -0.44
CA ILE D 29 -33.91 -23.41 -0.92
C ILE D 29 -34.05 -23.91 -2.36
N THR D 30 -35.22 -24.43 -2.72
CA THR D 30 -35.43 -24.88 -4.09
C THR D 30 -35.26 -23.74 -5.08
N SER D 31 -35.87 -22.59 -4.78
CA SER D 31 -35.77 -21.46 -5.69
C SER D 31 -34.33 -21.00 -5.85
N ILE D 32 -33.53 -21.09 -4.79
CA ILE D 32 -32.13 -20.67 -4.88
C ILE D 32 -31.37 -21.56 -5.85
N THR D 33 -31.40 -22.87 -5.62
CA THR D 33 -30.64 -23.78 -6.46
C THR D 33 -31.15 -23.80 -7.89
N THR D 34 -32.45 -23.56 -8.08
CA THR D 34 -33.00 -23.53 -9.44
C THR D 34 -32.62 -22.24 -10.15
N GLY D 35 -32.43 -21.15 -9.41
CA GLY D 35 -32.29 -19.84 -10.02
C GLY D 35 -33.62 -19.18 -10.25
N ASP D 36 -34.63 -19.52 -9.46
CA ASP D 36 -36.00 -19.05 -9.68
C ASP D 36 -36.25 -17.86 -8.76
N TYR D 37 -35.81 -16.67 -9.23
CA TYR D 37 -35.91 -15.45 -8.45
C TYR D 37 -37.35 -15.03 -8.24
N ASP D 38 -38.26 -15.47 -9.11
CA ASP D 38 -39.66 -15.10 -8.97
C ASP D 38 -40.21 -15.65 -7.67
N THR D 39 -39.86 -16.90 -7.33
CA THR D 39 -40.32 -17.50 -6.09
C THR D 39 -39.53 -16.98 -4.89
N TYR D 40 -38.22 -16.81 -5.06
CA TYR D 40 -37.38 -16.24 -4.00
C TYR D 40 -37.93 -14.89 -3.53
N SER D 41 -38.24 -13.99 -4.48
CA SER D 41 -38.67 -12.63 -4.16
C SER D 41 -40.02 -12.60 -3.47
N LYS D 42 -40.83 -13.63 -3.65
CA LYS D 42 -42.10 -13.69 -2.93
C LYS D 42 -41.93 -14.22 -1.53
N LEU D 43 -40.91 -15.05 -1.29
CA LEU D 43 -40.67 -15.62 0.05
C LEU D 43 -39.77 -14.74 0.93
N VAL D 44 -38.86 -13.97 0.33
CA VAL D 44 -37.89 -13.15 1.06
C VAL D 44 -38.36 -11.69 1.07
N ASP D 45 -38.33 -11.09 2.25
CA ASP D 45 -38.78 -9.71 2.40
C ASP D 45 -37.98 -8.78 1.48
N PRO D 46 -38.60 -7.73 0.93
CA PRO D 46 -37.82 -6.74 0.18
C PRO D 46 -36.80 -5.99 1.02
N HIS D 47 -37.01 -5.90 2.34
CA HIS D 47 -36.09 -5.29 3.29
C HIS D 47 -35.42 -6.35 4.18
N VAL D 48 -35.07 -7.48 3.59
CA VAL D 48 -34.43 -8.57 4.31
C VAL D 48 -33.02 -8.14 4.71
N THR D 49 -32.59 -8.52 5.92
CA THR D 49 -31.21 -8.35 6.35
C THR D 49 -30.52 -9.70 6.40
N CYS D 50 -29.19 -9.66 6.35
CA CYS D 50 -28.55 -10.95 6.26
C CYS D 50 -27.04 -10.87 6.43
N PHE D 51 -26.49 -11.98 6.91
CA PHE D 51 -25.07 -12.22 7.00
C PHE D 51 -24.77 -13.44 6.15
N GLU D 52 -23.76 -13.35 5.30
CA GLU D 52 -23.35 -14.52 4.54
C GLU D 52 -21.93 -14.32 4.10
N PRO D 53 -21.25 -15.38 3.71
CA PRO D 53 -19.84 -15.24 3.34
C PRO D 53 -19.59 -14.15 2.31
N PHE D 54 -20.50 -13.99 1.34
CA PHE D 54 -20.34 -12.99 0.31
C PHE D 54 -20.61 -11.56 0.79
N SER D 55 -21.18 -11.39 1.98
CA SER D 55 -21.29 -10.07 2.56
C SER D 55 -20.03 -9.66 3.32
N ASN D 56 -18.99 -10.50 3.32
CA ASN D 56 -17.68 -10.17 3.88
C ASN D 56 -17.77 -9.67 5.32
N GLY D 57 -18.65 -10.28 6.10
CA GLY D 57 -18.78 -9.93 7.51
C GLY D 57 -19.72 -8.78 7.77
N ASN D 58 -20.46 -8.33 6.78
CA ASN D 58 -21.33 -7.17 6.92
C ASN D 58 -22.79 -7.58 6.85
N LEU D 59 -23.64 -6.82 7.55
CA LEU D 59 -25.07 -6.98 7.45
C LEU D 59 -25.57 -6.18 6.25
N VAL D 60 -26.02 -6.88 5.20
CA VAL D 60 -26.54 -6.23 4.01
C VAL D 60 -28.07 -6.33 4.03
N GLU D 61 -28.71 -5.30 3.53
CA GLU D 61 -30.15 -5.17 3.55
C GLU D 61 -30.64 -5.17 2.10
N GLY D 62 -31.85 -5.70 1.89
CA GLY D 62 -32.49 -5.61 0.59
C GLY D 62 -32.23 -6.81 -0.31
N LEU D 63 -33.06 -6.91 -1.36
CA LEU D 63 -33.00 -8.06 -2.26
C LEU D 63 -31.96 -7.93 -3.35
N GLU D 64 -31.58 -6.70 -3.71
CA GLU D 64 -30.71 -6.53 -4.87
C GLU D 64 -29.37 -7.24 -4.70
N PHE D 65 -28.89 -7.35 -3.47
CA PHE D 65 -27.65 -8.06 -3.23
C PHE D 65 -27.74 -9.52 -3.66
N HIS D 66 -28.88 -10.17 -3.39
CA HIS D 66 -29.03 -11.57 -3.75
C HIS D 66 -29.47 -11.73 -5.20
N LYS D 67 -30.35 -10.84 -5.67
CA LYS D 67 -30.74 -10.86 -7.06
C LYS D 67 -29.54 -10.87 -7.98
N PHE D 68 -28.43 -10.26 -7.56
CA PHE D 68 -27.22 -10.29 -8.38
C PHE D 68 -26.81 -11.71 -8.71
N TYR D 69 -27.08 -12.68 -7.82
CA TYR D 69 -26.65 -14.04 -8.08
C TYR D 69 -27.64 -14.78 -8.98
N PHE D 70 -28.94 -14.49 -8.84
CA PHE D 70 -29.95 -15.10 -9.71
C PHE D 70 -29.73 -14.71 -11.17
N ASP D 71 -29.27 -13.49 -11.42
CA ASP D 71 -29.08 -12.98 -12.78
C ASP D 71 -27.72 -13.32 -13.37
N ASN D 72 -26.76 -13.83 -12.57
CA ASN D 72 -25.40 -13.98 -13.07
C ASN D 72 -24.69 -15.26 -12.64
N THR D 73 -25.20 -16.03 -11.66
CA THR D 73 -24.51 -17.24 -11.25
C THR D 73 -25.48 -18.40 -11.04
N LEU D 74 -26.58 -18.17 -10.31
CA LEU D 74 -27.57 -19.23 -10.11
C LEU D 74 -28.29 -19.56 -11.40
N SER D 75 -28.38 -18.58 -12.31
CA SER D 75 -28.83 -18.85 -13.68
C SER D 75 -27.96 -19.90 -14.35
N LYS D 76 -26.68 -19.97 -13.98
CA LYS D 76 -25.72 -20.83 -14.65
C LYS D 76 -25.76 -22.27 -14.14
N ARG D 77 -25.36 -23.18 -15.02
CA ARG D 77 -25.28 -24.61 -14.77
C ARG D 77 -24.12 -25.08 -15.71
N SER D 78 -24.02 -26.31 -16.25
CA SER D 78 -24.92 -27.48 -16.06
C SER D 78 -24.38 -28.42 -14.99
N VAL D 79 -23.56 -27.88 -14.10
CA VAL D 79 -23.03 -28.74 -13.03
C VAL D 79 -24.20 -29.35 -12.27
N PRO D 80 -24.24 -30.66 -12.10
CA PRO D 80 -25.27 -31.25 -11.25
C PRO D 80 -24.94 -31.03 -9.78
N ILE D 81 -25.98 -30.84 -8.99
CA ILE D 81 -25.81 -30.66 -7.55
C ILE D 81 -26.96 -31.34 -6.84
N ASN D 82 -26.67 -31.90 -5.67
CA ASN D 82 -27.69 -32.39 -4.78
C ASN D 82 -27.52 -31.68 -3.44
N THR D 83 -28.62 -31.21 -2.89
CA THR D 83 -28.63 -30.52 -1.61
C THR D 83 -29.28 -31.40 -0.57
N THR D 84 -28.70 -31.40 0.62
CA THR D 84 -29.22 -32.15 1.76
C THR D 84 -29.35 -31.19 2.91
N ILE D 85 -30.51 -31.21 3.57
CA ILE D 85 -30.77 -30.41 4.76
C ILE D 85 -30.69 -31.33 5.97
N LEU D 86 -29.90 -30.93 6.96
CA LEU D 86 -29.57 -31.73 8.13
C LEU D 86 -30.06 -31.04 9.39
N SER D 87 -30.59 -31.84 10.32
CA SER D 87 -30.84 -31.43 11.69
C SER D 87 -31.68 -30.16 11.77
N PRO D 88 -32.74 -30.04 10.98
CA PRO D 88 -33.55 -28.81 11.03
C PRO D 88 -34.31 -28.71 12.35
N HIS D 89 -34.01 -27.65 13.11
CA HIS D 89 -34.73 -27.29 14.32
CA HIS D 89 -34.75 -27.30 14.31
C HIS D 89 -35.57 -26.05 14.04
N VAL D 90 -36.84 -26.08 14.41
CA VAL D 90 -37.73 -24.96 14.19
C VAL D 90 -38.20 -24.43 15.55
N HIS D 91 -37.88 -23.17 15.83
CA HIS D 91 -38.45 -22.46 16.97
C HIS D 91 -39.74 -21.78 16.54
N VAL D 92 -40.85 -22.20 17.14
CA VAL D 92 -42.12 -21.50 16.98
C VAL D 92 -42.16 -20.42 18.04
N LEU D 93 -42.01 -19.17 17.59
CA LEU D 93 -41.86 -18.04 18.51
C LEU D 93 -43.21 -17.51 18.97
N GLY D 94 -44.16 -17.41 18.04
CA GLY D 94 -45.50 -16.95 18.31
C GLY D 94 -46.37 -17.28 17.13
N GLU D 95 -47.57 -16.69 17.10
CA GLU D 95 -48.44 -16.95 15.95
C GLU D 95 -47.86 -16.37 14.67
N ASP D 96 -47.12 -15.27 14.77
CA ASP D 96 -46.68 -14.52 13.61
C ASP D 96 -45.19 -14.65 13.33
N ALA D 97 -44.49 -15.60 13.97
CA ALA D 97 -43.04 -15.61 13.86
C ALA D 97 -42.47 -17.00 14.14
N ALA D 98 -41.41 -17.35 13.42
CA ALA D 98 -40.69 -18.59 13.68
C ALA D 98 -39.24 -18.46 13.26
N CYS D 99 -38.41 -19.34 13.80
CA CYS D 99 -37.01 -19.40 13.42
C CYS D 99 -36.62 -20.84 13.13
N ILE D 100 -35.95 -21.07 12.01
CA ILE D 100 -35.50 -22.40 11.66
C ILE D 100 -33.99 -22.35 11.49
N CYS D 101 -33.32 -23.39 12.00
CA CYS D 101 -31.87 -23.52 11.92
CA CYS D 101 -31.88 -23.50 11.86
C CYS D 101 -31.53 -24.90 11.38
N TYR D 102 -30.59 -24.97 10.46
CA TYR D 102 -30.27 -26.22 9.82
C TYR D 102 -28.90 -26.12 9.20
N MET D 103 -28.32 -27.27 8.87
CA MET D 103 -27.10 -27.33 8.07
C MET D 103 -27.45 -27.77 6.66
N ARG D 104 -26.65 -27.33 5.71
CA ARG D 104 -26.94 -27.57 4.31
C ARG D 104 -25.70 -28.17 3.68
N LEU D 105 -25.84 -29.38 3.12
CA LEU D 105 -24.78 -30.02 2.36
C LEU D 105 -25.07 -29.90 0.87
N THR D 106 -24.10 -29.43 0.11
CA THR D 106 -24.22 -29.33 -1.33
C THR D 106 -23.17 -30.24 -1.94
N GLN D 107 -23.61 -31.26 -2.65
CA GLN D 107 -22.71 -32.08 -3.45
C GLN D 107 -22.65 -31.51 -4.85
N SER D 108 -21.45 -31.54 -5.44
CA SER D 108 -21.26 -31.00 -6.77
C SER D 108 -20.15 -31.78 -7.45
N VAL D 109 -20.09 -31.66 -8.77
CA VAL D 109 -19.02 -32.25 -9.58
C VAL D 109 -18.59 -31.22 -10.61
N ASN D 110 -17.29 -30.94 -10.65
CA ASN D 110 -16.74 -30.01 -11.62
C ASN D 110 -16.37 -30.77 -12.91
N SER D 111 -15.74 -30.06 -13.84
CA SER D 111 -15.23 -30.70 -15.05
C SER D 111 -14.11 -31.68 -14.69
N SER D 112 -14.14 -32.85 -15.35
CA SER D 112 -13.18 -33.94 -15.13
C SER D 112 -13.67 -34.87 -14.03
N GLY D 113 -14.92 -34.74 -13.61
CA GLY D 113 -15.56 -35.73 -12.75
C GLY D 113 -15.06 -35.79 -11.32
N GLU D 114 -14.63 -34.66 -10.76
CA GLU D 114 -14.19 -34.58 -9.37
C GLU D 114 -15.32 -34.06 -8.49
N ALA D 115 -15.71 -34.87 -7.50
CA ALA D 115 -16.83 -34.53 -6.62
C ALA D 115 -16.34 -33.84 -5.36
N LYS D 116 -17.06 -32.81 -4.93
CA LYS D 116 -16.78 -32.14 -3.67
C LYS D 116 -18.08 -31.87 -2.94
N THR D 117 -17.99 -31.84 -1.60
CA THR D 117 -19.13 -31.56 -0.73
C THR D 117 -18.82 -30.33 0.10
N LEU D 118 -19.76 -29.39 0.15
CA LEU D 118 -19.61 -28.16 0.89
C LEU D 118 -20.73 -28.06 1.91
N GLN D 119 -20.40 -27.48 3.05
CA GLN D 119 -21.34 -27.39 4.16
C GLN D 119 -21.53 -25.94 4.57
N GLN D 120 -22.78 -25.59 4.80
CA GLN D 120 -23.17 -24.27 5.24
C GLN D 120 -24.11 -24.45 6.41
N GLU D 121 -24.08 -23.50 7.33
CA GLU D 121 -24.99 -23.44 8.46
C GLU D 121 -25.88 -22.22 8.29
N GLU D 122 -27.17 -22.40 8.53
CA GLU D 122 -28.13 -21.39 8.15
C GLU D 122 -29.14 -21.17 9.26
N THR D 123 -29.42 -19.91 9.51
CA THR D 123 -30.50 -19.48 10.39
C THR D 123 -31.45 -18.62 9.56
N ARG D 124 -32.73 -18.96 9.57
CA ARG D 124 -33.70 -18.15 8.85
C ARG D 124 -34.82 -17.78 9.80
N VAL D 125 -35.10 -16.49 9.93
CA VAL D 125 -36.19 -15.98 10.73
C VAL D 125 -37.39 -15.74 9.82
N TRP D 126 -38.54 -16.30 10.20
CA TRP D 126 -39.76 -16.21 9.42
C TRP D 126 -40.81 -15.40 10.17
N GLN D 127 -41.53 -14.56 9.44
CA GLN D 127 -42.56 -13.71 10.04
C GLN D 127 -43.80 -13.73 9.15
N LYS D 128 -44.96 -13.87 9.79
CA LYS D 128 -46.23 -13.82 9.09
C LYS D 128 -46.64 -12.36 8.93
N LYS D 129 -46.67 -11.89 7.70
CA LYS D 129 -47.00 -10.50 7.39
C LYS D 129 -48.09 -10.49 6.32
N GLY D 130 -49.28 -10.05 6.71
CA GLY D 130 -50.43 -10.10 5.82
C GLY D 130 -50.92 -11.50 5.59
N GLY D 131 -50.87 -12.36 6.62
CA GLY D 131 -51.22 -13.75 6.47
C GLY D 131 -50.22 -14.59 5.71
N ASN D 132 -49.14 -14.01 5.20
CA ASN D 132 -48.13 -14.71 4.43
C ASN D 132 -46.82 -14.78 5.21
N TRP D 133 -46.17 -15.95 5.16
CA TRP D 133 -44.90 -16.16 5.85
C TRP D 133 -43.76 -15.62 5.01
N ILE D 134 -42.97 -14.71 5.59
CA ILE D 134 -41.86 -14.06 4.90
C ILE D 134 -40.57 -14.23 5.71
N ASN D 135 -39.48 -14.51 5.00
CA ASN D 135 -38.15 -14.62 5.59
C ASN D 135 -37.56 -13.23 5.74
N VAL D 136 -37.65 -12.65 6.95
CA VAL D 136 -37.18 -11.27 7.16
C VAL D 136 -35.69 -11.18 7.46
N HIS D 137 -35.02 -12.29 7.79
CA HIS D 137 -33.59 -12.24 8.11
C HIS D 137 -32.98 -13.63 8.01
N PHE D 138 -31.74 -13.70 7.53
CA PHE D 138 -31.05 -14.98 7.55
C PHE D 138 -29.55 -14.78 7.74
N HIS D 139 -28.92 -15.83 8.26
CA HIS D 139 -27.53 -15.81 8.68
C HIS D 139 -26.90 -17.11 8.20
N ILE D 140 -25.89 -17.00 7.34
CA ILE D 140 -25.23 -18.14 6.72
C ILE D 140 -23.73 -18.07 7.01
N SER D 141 -23.14 -19.22 7.33
CA SER D 141 -21.70 -19.29 7.61
C SER D 141 -21.16 -20.58 7.03
N GLY D 142 -19.95 -20.53 6.48
CA GLY D 142 -19.31 -21.67 5.85
C GLY D 142 -18.44 -22.46 6.81
N THR E 13 14.91 36.89 -9.18
CA THR E 13 13.92 36.17 -9.99
C THR E 13 14.27 34.69 -10.03
N ALA E 14 13.90 33.97 -8.98
CA ALA E 14 14.18 32.54 -8.88
C ALA E 14 13.01 31.68 -9.28
N LYS E 15 11.78 32.10 -8.93
CA LYS E 15 10.61 31.33 -9.32
C LYS E 15 10.48 31.24 -10.82
N VAL E 16 11.11 32.17 -11.54
CA VAL E 16 11.19 32.07 -12.99
C VAL E 16 12.03 30.86 -13.38
N ARG E 17 13.23 30.76 -12.80
CA ARG E 17 14.16 29.70 -13.14
C ARG E 17 13.58 28.33 -12.78
N GLU E 18 12.83 28.27 -11.67
CA GLU E 18 12.24 26.99 -11.26
C GLU E 18 11.24 26.49 -12.27
N GLN E 19 10.39 27.37 -12.80
CA GLN E 19 9.37 26.93 -13.74
C GLN E 19 10.00 26.44 -15.03
N GLU E 20 11.19 26.96 -15.35
CA GLU E 20 11.90 26.51 -16.55
C GLU E 20 12.52 25.13 -16.33
N ILE E 21 13.11 24.89 -15.16
CA ILE E 21 13.64 23.57 -14.85
C ILE E 21 12.52 22.54 -14.83
N ILE E 22 11.36 22.92 -14.28
CA ILE E 22 10.22 22.01 -14.26
C ILE E 22 9.76 21.69 -15.67
N ARG E 23 9.71 22.71 -16.54
CA ARG E 23 9.28 22.46 -17.92
C ARG E 23 10.28 21.56 -18.64
N LEU E 24 11.58 21.80 -18.44
CA LEU E 24 12.58 20.95 -19.06
C LEU E 24 12.42 19.51 -18.60
N THR E 25 12.25 19.31 -17.29
CA THR E 25 12.10 17.95 -16.74
C THR E 25 10.86 17.27 -17.32
N GLN E 26 9.75 17.99 -17.40
CA GLN E 26 8.55 17.45 -18.01
C GLN E 26 8.81 17.07 -19.45
N LYS E 27 9.54 17.92 -20.17
CA LYS E 27 9.93 17.58 -21.53
C LYS E 27 10.79 16.32 -21.55
N LEU E 28 11.74 16.24 -20.61
CA LEU E 28 12.60 15.05 -20.48
C LEU E 28 11.80 13.80 -20.14
N ILE E 29 10.93 13.88 -19.13
CA ILE E 29 10.14 12.70 -18.77
C ILE E 29 9.27 12.27 -19.93
N THR E 30 8.71 13.23 -20.67
CA THR E 30 7.88 12.91 -21.84
C THR E 30 8.69 12.17 -22.90
N SER E 31 9.91 12.63 -23.18
CA SER E 31 10.74 11.95 -24.18
C SER E 31 11.07 10.53 -23.74
N ILE E 32 11.09 10.26 -22.44
CA ILE E 32 11.33 8.90 -21.94
C ILE E 32 10.11 8.02 -22.19
N THR E 33 8.95 8.43 -21.67
CA THR E 33 7.71 7.68 -21.81
C THR E 33 7.33 7.43 -23.27
N THR E 34 7.61 8.39 -24.16
CA THR E 34 7.27 8.24 -25.57
C THR E 34 8.37 7.58 -26.38
N GLY E 35 9.57 7.39 -25.82
CA GLY E 35 10.64 6.79 -26.58
C GLY E 35 11.28 7.69 -27.60
N ASP E 36 11.11 9.00 -27.48
CA ASP E 36 11.75 9.97 -28.38
C ASP E 36 13.19 10.18 -27.92
N TYR E 37 14.10 9.38 -28.49
CA TYR E 37 15.50 9.50 -28.11
C TYR E 37 16.13 10.81 -28.60
N ASP E 38 15.59 11.39 -29.67
CA ASP E 38 16.18 12.63 -30.18
C ASP E 38 16.08 13.74 -29.15
N THR E 39 14.95 13.83 -28.45
CA THR E 39 14.81 14.86 -27.43
C THR E 39 15.62 14.53 -26.19
N TYR E 40 15.68 13.24 -25.83
CA TYR E 40 16.48 12.81 -24.70
C TYR E 40 17.93 13.23 -24.87
N SER E 41 18.52 12.92 -26.02
CA SER E 41 19.94 13.14 -26.26
C SER E 41 20.30 14.61 -26.36
N LYS E 42 19.32 15.48 -26.52
CA LYS E 42 19.58 16.91 -26.51
C LYS E 42 19.53 17.49 -25.12
N LEU E 43 18.78 16.85 -24.21
CA LEU E 43 18.62 17.28 -22.84
C LEU E 43 19.61 16.61 -21.88
N VAL E 44 20.04 15.39 -22.18
CA VAL E 44 20.93 14.64 -21.31
C VAL E 44 22.35 14.72 -21.86
N ASP E 45 23.29 15.05 -20.98
CA ASP E 45 24.68 15.22 -21.37
C ASP E 45 25.23 13.94 -21.98
N PRO E 46 26.07 14.02 -23.02
CA PRO E 46 26.67 12.79 -23.56
C PRO E 46 27.53 12.05 -22.56
N HIS E 47 27.99 12.73 -21.51
CA HIS E 47 28.74 12.10 -20.44
C HIS E 47 27.97 12.19 -19.12
N VAL E 48 26.68 11.84 -19.19
CA VAL E 48 25.82 11.88 -18.03
C VAL E 48 26.19 10.76 -17.07
N THR E 49 26.28 11.08 -15.78
CA THR E 49 26.44 10.07 -14.76
C THR E 49 25.08 9.76 -14.15
N CYS E 50 24.88 8.51 -13.74
CA CYS E 50 23.60 8.21 -13.15
C CYS E 50 23.69 7.00 -12.22
N PHE E 51 22.75 6.96 -11.29
CA PHE E 51 22.43 5.79 -10.49
C PHE E 51 20.99 5.45 -10.80
N GLU E 52 20.71 4.19 -11.09
CA GLU E 52 19.33 3.80 -11.32
C GLU E 52 19.20 2.32 -11.03
N PRO E 53 17.97 1.80 -10.93
CA PRO E 53 17.84 0.39 -10.53
C PRO E 53 18.43 -0.58 -11.53
N PHE E 54 18.39 -0.26 -12.82
CA PHE E 54 18.97 -1.12 -13.84
C PHE E 54 20.49 -1.03 -13.86
N SER E 55 21.07 -0.02 -13.22
CA SER E 55 22.50 0.03 -13.12
C SER E 55 23.03 -0.84 -11.99
N ASN E 56 22.14 -1.46 -11.21
CA ASN E 56 22.53 -2.51 -10.28
C ASN E 56 23.44 -2.01 -9.16
N GLY E 57 23.27 -0.74 -8.77
CA GLY E 57 24.01 -0.11 -7.69
C GLY E 57 25.26 0.61 -8.13
N ASN E 58 25.49 0.73 -9.42
CA ASN E 58 26.72 1.31 -9.94
C ASN E 58 26.43 2.67 -10.55
N LEU E 59 27.41 3.56 -10.45
CA LEU E 59 27.39 4.81 -11.18
C LEU E 59 27.84 4.54 -12.61
N VAL E 60 26.91 4.64 -13.55
CA VAL E 60 27.22 4.48 -14.97
C VAL E 60 27.37 5.85 -15.61
N GLU E 61 28.20 5.89 -16.65
CA GLU E 61 28.44 7.12 -17.39
C GLU E 61 28.05 6.90 -18.85
N GLY E 62 27.71 8.00 -19.52
CA GLY E 62 27.42 8.00 -20.94
C GLY E 62 25.98 7.68 -21.29
N LEU E 63 25.57 8.12 -22.48
CA LEU E 63 24.20 7.88 -22.93
C LEU E 63 23.99 6.47 -23.43
N GLU E 64 25.04 5.77 -23.81
CA GLU E 64 24.85 4.47 -24.47
C GLU E 64 24.08 3.50 -23.59
N PHE E 65 24.22 3.61 -22.26
CA PHE E 65 23.50 2.73 -21.35
C PHE E 65 22.00 2.91 -21.47
N HIS E 66 21.55 4.15 -21.65
CA HIS E 66 20.13 4.48 -21.74
C HIS E 66 19.57 4.32 -23.13
N LYS E 67 20.34 4.70 -24.17
CA LYS E 67 19.92 4.46 -25.53
C LYS E 67 19.52 3.02 -25.74
N PHE E 68 20.10 2.09 -24.96
CA PHE E 68 19.73 0.68 -25.08
C PHE E 68 18.25 0.45 -24.82
N TYR E 69 17.63 1.25 -23.95
CA TYR E 69 16.21 1.06 -23.64
C TYR E 69 15.32 1.75 -24.66
N PHE E 70 15.71 2.93 -25.14
CA PHE E 70 14.97 3.56 -26.21
C PHE E 70 14.86 2.65 -27.42
N ASP E 71 15.88 1.84 -27.69
CA ASP E 71 15.92 0.99 -28.87
C ASP E 71 15.34 -0.40 -28.64
N ASN E 72 14.92 -0.73 -27.42
CA ASN E 72 14.35 -2.05 -27.16
C ASN E 72 13.06 -1.97 -26.34
N THR E 73 13.14 -1.43 -25.12
CA THR E 73 12.00 -1.43 -24.21
C THR E 73 11.09 -0.21 -24.40
N LEU E 74 11.64 0.99 -24.24
CA LEU E 74 10.86 2.24 -24.24
C LEU E 74 10.19 2.52 -25.57
N SER E 75 10.45 1.71 -26.59
CA SER E 75 9.81 1.82 -27.91
C SER E 75 8.65 0.84 -28.04
N LYS E 76 8.94 -0.45 -27.84
CA LYS E 76 8.01 -1.55 -28.02
C LYS E 76 6.80 -1.50 -27.07
N ARG E 77 6.73 -0.50 -26.19
CA ARG E 77 5.59 -0.42 -25.29
C ARG E 77 4.39 0.14 -26.04
N SER E 78 3.31 -0.63 -26.09
CA SER E 78 2.04 -0.17 -26.62
C SER E 78 0.99 -0.07 -25.51
N VAL E 79 1.36 -0.48 -24.30
CA VAL E 79 0.49 -0.41 -23.12
C VAL E 79 0.16 1.05 -22.85
N PRO E 80 -1.05 1.40 -22.43
CA PRO E 80 -1.31 2.77 -22.02
C PRO E 80 -0.74 3.04 -20.63
N ILE E 81 -0.27 4.25 -20.43
CA ILE E 81 0.31 4.64 -19.15
C ILE E 81 -0.02 6.09 -18.88
N ASN E 82 -0.04 6.44 -17.61
CA ASN E 82 -0.16 7.83 -17.20
C ASN E 82 0.88 8.11 -16.11
N THR E 83 1.52 9.27 -16.21
CA THR E 83 2.64 9.65 -15.36
C THR E 83 2.24 10.83 -14.49
N THR E 84 2.47 10.71 -13.19
CA THR E 84 2.22 11.80 -12.26
C THR E 84 3.51 12.18 -11.55
N ILE E 85 3.79 13.48 -11.47
CA ILE E 85 4.96 14.01 -10.78
C ILE E 85 4.49 14.64 -9.48
N LEU E 86 5.05 14.18 -8.36
CA LEU E 86 4.60 14.53 -7.02
C LEU E 86 5.70 15.27 -6.28
N SER E 87 5.31 16.31 -5.53
CA SER E 87 6.18 17.00 -4.59
C SER E 87 7.45 17.51 -5.26
N PRO E 88 7.34 18.14 -6.44
CA PRO E 88 8.55 18.59 -7.13
C PRO E 88 9.17 19.76 -6.39
N HIS E 89 10.43 19.60 -5.99
CA HIS E 89 11.22 20.63 -5.33
CA HIS E 89 11.21 20.64 -5.34
C HIS E 89 12.40 20.98 -6.23
N VAL E 90 12.58 22.27 -6.49
CA VAL E 90 13.67 22.75 -7.34
C VAL E 90 14.62 23.56 -6.47
N HIS E 91 15.88 23.16 -6.44
CA HIS E 91 16.95 23.93 -5.81
C HIS E 91 17.66 24.72 -6.90
N VAL E 92 17.57 26.05 -6.82
CA VAL E 92 18.23 26.92 -7.79
C VAL E 92 19.62 27.22 -7.23
N LEU E 93 20.62 26.53 -7.77
CA LEU E 93 21.96 26.55 -7.17
C LEU E 93 22.72 27.82 -7.54
N GLY E 94 22.51 28.30 -8.76
CA GLY E 94 23.11 29.54 -9.20
C GLY E 94 22.58 29.86 -10.57
N GLU E 95 23.25 30.78 -11.26
CA GLU E 95 22.78 31.12 -12.60
C GLU E 95 22.88 29.93 -13.55
N ASP E 96 23.93 29.12 -13.41
CA ASP E 96 24.24 28.08 -14.37
C ASP E 96 23.95 26.67 -13.87
N ALA E 97 23.32 26.53 -12.70
CA ALA E 97 23.15 25.21 -12.10
C ALA E 97 21.84 25.15 -11.32
N ALA E 98 21.17 24.00 -11.40
CA ALA E 98 19.93 23.77 -10.67
C ALA E 98 19.77 22.28 -10.41
N CYS E 99 18.97 21.97 -9.40
CA CYS E 99 18.69 20.60 -9.01
C CYS E 99 17.19 20.44 -8.79
N ILE E 100 16.62 19.33 -9.27
CA ILE E 100 15.20 19.08 -9.10
C ILE E 100 15.00 17.65 -8.62
N CYS E 101 14.08 17.47 -7.68
CA CYS E 101 13.76 16.14 -7.16
C CYS E 101 12.26 16.00 -7.02
N TYR E 102 11.80 14.78 -7.27
CA TYR E 102 10.37 14.51 -7.31
C TYR E 102 10.15 13.01 -7.21
N MET E 103 8.91 12.64 -6.92
CA MET E 103 8.45 11.28 -7.03
C MET E 103 7.65 11.16 -8.31
N ARG E 104 7.70 9.99 -8.93
CA ARG E 104 7.08 9.79 -10.22
C ARG E 104 6.23 8.54 -10.13
N LEU E 105 4.92 8.71 -10.32
CA LEU E 105 3.97 7.59 -10.33
C LEU E 105 3.68 7.22 -11.77
N THR E 106 3.74 5.94 -12.06
CA THR E 106 3.44 5.42 -13.38
C THR E 106 2.30 4.43 -13.25
N GLN E 107 1.16 4.74 -13.85
CA GLN E 107 0.06 3.80 -13.95
C GLN E 107 0.12 3.09 -15.29
N SER E 108 -0.41 1.88 -15.33
CA SER E 108 -0.39 1.07 -16.55
C SER E 108 -1.39 -0.07 -16.39
N VAL E 109 -1.72 -0.69 -17.52
CA VAL E 109 -2.69 -1.77 -17.56
C VAL E 109 -2.11 -2.92 -18.37
N ASN E 110 -2.53 -4.13 -18.02
CA ASN E 110 -2.12 -5.34 -18.71
C ASN E 110 -2.88 -5.52 -20.01
N SER E 111 -2.37 -6.42 -20.87
CA SER E 111 -3.20 -7.00 -21.91
C SER E 111 -4.37 -7.75 -21.30
N SER E 112 -4.14 -8.37 -20.13
CA SER E 112 -5.24 -8.97 -19.38
C SER E 112 -6.23 -7.91 -18.93
N GLY E 113 -5.75 -6.70 -18.63
CA GLY E 113 -6.60 -5.58 -18.25
C GLY E 113 -6.43 -5.14 -16.82
N GLU E 114 -5.51 -5.75 -16.06
CA GLU E 114 -5.30 -5.38 -14.67
C GLU E 114 -4.31 -4.23 -14.56
N ALA E 115 -4.59 -3.30 -13.66
CA ALA E 115 -3.79 -2.10 -13.54
C ALA E 115 -2.76 -2.23 -12.42
N LYS E 116 -1.65 -1.52 -12.57
CA LYS E 116 -0.68 -1.38 -11.49
C LYS E 116 -0.10 0.03 -11.51
N THR E 117 0.39 0.44 -10.33
CA THR E 117 1.06 1.72 -10.15
C THR E 117 2.46 1.45 -9.63
N LEU E 118 3.45 2.08 -10.26
CA LEU E 118 4.83 1.99 -9.83
C LEU E 118 5.31 3.37 -9.41
N GLN E 119 6.23 3.38 -8.46
CA GLN E 119 6.78 4.60 -7.90
C GLN E 119 8.30 4.59 -7.99
N GLN E 120 8.85 5.70 -8.46
CA GLN E 120 10.28 5.95 -8.44
C GLN E 120 10.54 7.33 -7.85
N GLU E 121 11.70 7.48 -7.24
CA GLU E 121 12.16 8.76 -6.73
C GLU E 121 13.35 9.21 -7.57
N GLU E 122 13.31 10.45 -8.00
CA GLU E 122 14.24 10.93 -9.00
C GLU E 122 14.87 12.23 -8.54
N THR E 123 16.20 12.29 -8.63
CA THR E 123 16.95 13.53 -8.53
C THR E 123 17.62 13.81 -9.86
N ARG E 124 17.53 15.06 -10.31
CA ARG E 124 18.13 15.44 -11.58
C ARG E 124 18.88 16.75 -11.40
N VAL E 125 20.15 16.75 -11.79
CA VAL E 125 21.02 17.92 -11.71
C VAL E 125 21.11 18.53 -13.10
N TRP E 126 20.80 19.82 -13.19
CA TRP E 126 20.78 20.54 -14.45
C TRP E 126 21.88 21.59 -14.44
N GLN E 127 22.63 21.67 -15.52
CA GLN E 127 23.69 22.66 -15.65
C GLN E 127 23.51 23.41 -16.96
N LYS E 128 23.70 24.72 -16.91
CA LYS E 128 23.62 25.56 -18.11
C LYS E 128 24.99 25.54 -18.78
N LYS E 129 25.13 24.72 -19.81
CA LYS E 129 26.38 24.58 -20.55
C LYS E 129 26.18 25.24 -21.92
N GLY E 130 26.94 26.32 -22.14
CA GLY E 130 26.71 27.17 -23.29
C GLY E 130 25.55 28.10 -22.99
N GLY E 131 24.44 27.91 -23.69
CA GLY E 131 23.22 28.63 -23.39
C GLY E 131 22.05 27.71 -23.13
N ASN E 132 22.34 26.43 -22.92
CA ASN E 132 21.29 25.42 -22.80
C ASN E 132 21.41 24.67 -21.47
N TRP E 133 20.25 24.24 -20.96
CA TRP E 133 20.17 23.45 -19.74
C TRP E 133 20.33 21.98 -20.10
N ILE E 134 21.37 21.33 -19.54
CA ILE E 134 21.64 19.93 -19.80
C ILE E 134 21.56 19.17 -18.48
N ASN E 135 21.03 17.94 -18.54
CA ASN E 135 20.93 17.08 -17.36
C ASN E 135 22.24 16.32 -17.25
N VAL E 136 23.10 16.74 -16.33
CA VAL E 136 24.45 16.16 -16.21
C VAL E 136 24.53 14.96 -15.27
N HIS E 137 23.57 14.80 -14.36
CA HIS E 137 23.58 13.67 -13.44
C HIS E 137 22.16 13.41 -12.96
N PHE E 138 21.80 12.15 -12.80
CA PHE E 138 20.52 11.83 -12.21
C PHE E 138 20.60 10.56 -11.40
N HIS E 139 19.70 10.46 -10.43
CA HIS E 139 19.66 9.39 -9.45
C HIS E 139 18.22 8.92 -9.35
N ILE E 140 17.99 7.62 -9.52
CA ILE E 140 16.66 7.05 -9.51
C ILE E 140 16.65 5.84 -8.59
N SER E 141 15.62 5.74 -7.76
CA SER E 141 15.46 4.60 -6.86
C SER E 141 13.98 4.26 -6.76
N GLY E 142 13.71 3.10 -6.17
CA GLY E 142 12.38 2.68 -5.82
C GLY E 142 11.89 1.48 -6.61
N LYS E 143 12.36 1.35 -7.86
CA LYS E 143 11.96 0.27 -8.75
C LYS E 143 10.44 0.20 -8.90
N VAL F 12 42.37 23.81 -16.07
CA VAL F 12 42.31 22.78 -15.03
C VAL F 12 42.46 23.41 -13.64
N THR F 13 41.90 24.62 -13.48
CA THR F 13 41.83 25.26 -12.16
C THR F 13 40.75 24.64 -11.28
N ALA F 14 39.82 23.90 -11.88
CA ALA F 14 38.69 23.32 -11.17
C ALA F 14 39.05 22.04 -10.43
N LYS F 15 40.20 21.44 -10.70
CA LYS F 15 40.56 20.19 -10.02
C LYS F 15 40.71 20.41 -8.52
N VAL F 16 41.09 21.62 -8.10
CA VAL F 16 41.15 21.93 -6.69
C VAL F 16 39.75 22.06 -6.13
N ARG F 17 38.83 22.60 -6.93
CA ARG F 17 37.46 22.75 -6.48
C ARG F 17 36.80 21.40 -6.26
N GLU F 18 37.21 20.37 -7.03
N GLU F 18 37.21 20.38 -6.98
CA GLU F 18 36.72 19.00 -6.83
CA GLU F 18 36.62 19.07 -6.76
C GLU F 18 37.26 18.39 -5.55
C GLU F 18 37.25 18.38 -5.54
N GLN F 19 38.48 18.75 -5.16
CA GLN F 19 39.10 18.23 -3.96
C GLN F 19 38.47 18.82 -2.70
N GLU F 20 38.01 20.07 -2.77
CA GLU F 20 37.33 20.67 -1.63
C GLU F 20 36.01 19.96 -1.35
N ILE F 21 35.22 19.71 -2.39
CA ILE F 21 33.97 18.95 -2.25
C ILE F 21 34.25 17.59 -1.64
N ILE F 22 35.25 16.89 -2.18
CA ILE F 22 35.60 15.57 -1.67
C ILE F 22 35.95 15.63 -0.19
N ARG F 23 36.68 16.67 0.21
CA ARG F 23 37.09 16.79 1.61
C ARG F 23 35.88 17.00 2.50
N LEU F 24 34.99 17.91 2.10
CA LEU F 24 33.77 18.15 2.86
C LEU F 24 32.92 16.88 2.93
N THR F 25 32.80 16.15 1.83
CA THR F 25 31.98 14.95 1.84
C THR F 25 32.54 13.93 2.82
N GLN F 26 33.86 13.70 2.76
CA GLN F 26 34.51 12.80 3.73
C GLN F 26 34.30 13.29 5.15
N LYS F 27 34.46 14.60 5.37
CA LYS F 27 34.16 15.18 6.67
C LYS F 27 32.69 14.95 7.05
N LEU F 28 31.78 15.05 6.07
CA LEU F 28 30.37 14.84 6.35
C LEU F 28 30.08 13.38 6.72
N ILE F 29 30.59 12.44 5.91
CA ILE F 29 30.35 11.03 6.20
C ILE F 29 31.01 10.63 7.51
N THR F 30 32.18 11.22 7.79
CA THR F 30 32.81 10.99 9.08
C THR F 30 31.88 11.43 10.21
N SER F 31 31.30 12.62 10.09
CA SER F 31 30.38 13.07 11.13
C SER F 31 29.23 12.09 11.31
N ILE F 32 28.75 11.49 10.22
CA ILE F 32 27.63 10.54 10.33
C ILE F 32 28.03 9.30 11.10
N THR F 33 29.16 8.69 10.73
CA THR F 33 29.55 7.42 11.34
C THR F 33 30.04 7.57 12.78
N THR F 34 30.54 8.74 13.17
CA THR F 34 30.94 8.97 14.56
C THR F 34 29.83 9.52 15.45
N GLY F 35 28.68 9.88 14.89
CA GLY F 35 27.60 10.43 15.69
C GLY F 35 27.82 11.87 16.03
N ASP F 36 28.55 12.60 15.19
CA ASP F 36 28.92 14.00 15.48
C ASP F 36 27.91 14.92 14.79
N TYR F 37 26.78 15.10 15.46
CA TYR F 37 25.71 15.92 14.89
C TYR F 37 26.15 17.37 14.71
N ASP F 38 27.03 17.86 15.58
CA ASP F 38 27.44 19.25 15.51
C ASP F 38 28.12 19.56 14.19
N THR F 39 29.02 18.67 13.74
CA THR F 39 29.65 18.87 12.44
C THR F 39 28.64 18.70 11.33
N TYR F 40 27.78 17.69 11.46
CA TYR F 40 26.76 17.43 10.45
C TYR F 40 25.87 18.65 10.26
N SER F 41 25.38 19.23 11.37
CA SER F 41 24.47 20.36 11.29
C SER F 41 25.13 21.58 10.67
N LYS F 42 26.46 21.68 10.73
CA LYS F 42 27.15 22.79 10.09
C LYS F 42 27.31 22.57 8.58
N LEU F 43 27.38 21.31 8.14
CA LEU F 43 27.60 21.00 6.74
C LEU F 43 26.31 20.78 5.96
N VAL F 44 25.20 20.48 6.63
CA VAL F 44 23.94 20.18 5.96
C VAL F 44 22.95 21.30 6.21
N ASP F 45 22.33 21.77 5.13
CA ASP F 45 21.40 22.89 5.20
C ASP F 45 20.28 22.59 6.19
N PRO F 46 19.80 23.59 6.93
CA PRO F 46 18.67 23.34 7.84
C PRO F 46 17.39 22.99 7.11
N HIS F 47 17.25 23.39 5.84
CA HIS F 47 16.11 23.03 5.00
C HIS F 47 16.50 22.05 3.89
N VAL F 48 17.40 21.12 4.22
CA VAL F 48 17.82 20.10 3.27
C VAL F 48 16.64 19.23 2.89
N THR F 49 16.62 18.80 1.62
CA THR F 49 15.66 17.83 1.14
C THR F 49 16.39 16.53 0.84
N CYS F 50 15.66 15.41 0.86
CA CYS F 50 16.36 14.17 0.65
C CYS F 50 15.40 13.02 0.34
N PHE F 51 15.95 12.02 -0.34
CA PHE F 51 15.39 10.68 -0.43
C PHE F 51 16.39 9.75 0.23
N GLU F 52 15.93 8.87 1.10
CA GLU F 52 16.79 7.83 1.62
C GLU F 52 15.93 6.65 1.98
N PRO F 53 16.51 5.46 2.11
CA PRO F 53 15.70 4.27 2.43
C PRO F 53 14.80 4.45 3.65
N PHE F 54 15.24 5.21 4.65
CA PHE F 54 14.39 5.40 5.83
C PHE F 54 13.27 6.41 5.62
N SER F 55 13.27 7.15 4.52
CA SER F 55 12.15 8.02 4.22
C SER F 55 11.03 7.28 3.47
N ASN F 56 11.23 6.01 3.14
CA ASN F 56 10.17 5.17 2.58
C ASN F 56 9.69 5.71 1.22
N GLY F 57 10.59 6.26 0.44
CA GLY F 57 10.24 6.72 -0.89
C GLY F 57 9.78 8.15 -0.94
N ASN F 58 9.75 8.84 0.20
CA ASN F 58 9.24 10.20 0.28
C ASN F 58 10.38 11.21 0.34
N LEU F 59 10.10 12.38 -0.22
CA LEU F 59 11.01 13.52 -0.08
C LEU F 59 10.74 14.15 1.28
N VAL F 60 11.72 14.12 2.17
CA VAL F 60 11.60 14.74 3.48
C VAL F 60 12.48 15.98 3.52
N GLU F 61 12.11 16.91 4.40
CA GLU F 61 12.79 18.19 4.52
C GLU F 61 13.22 18.41 5.97
N GLY F 62 14.32 19.15 6.15
CA GLY F 62 14.76 19.55 7.47
C GLY F 62 15.69 18.55 8.13
N LEU F 63 16.35 19.02 9.18
CA LEU F 63 17.33 18.19 9.87
C LEU F 63 16.69 17.27 10.89
N GLU F 64 15.46 17.54 11.32
CA GLU F 64 14.88 16.76 12.41
C GLU F 64 14.86 15.28 12.07
N PHE F 65 14.52 14.96 10.82
CA PHE F 65 14.40 13.56 10.43
C PHE F 65 15.72 12.83 10.67
N HIS F 66 16.83 13.48 10.35
CA HIS F 66 18.15 12.89 10.49
C HIS F 66 18.74 13.04 11.89
N LYS F 67 18.47 14.14 12.60
CA LYS F 67 18.91 14.24 14.00
C LYS F 67 18.40 13.08 14.83
N PHE F 68 17.24 12.55 14.48
CA PHE F 68 16.70 11.42 15.21
C PHE F 68 17.67 10.23 15.25
N TYR F 69 18.45 10.02 14.18
CA TYR F 69 19.41 8.92 14.18
C TYR F 69 20.65 9.25 15.01
N PHE F 70 21.15 10.48 14.91
CA PHE F 70 22.23 10.91 15.79
C PHE F 70 21.86 10.75 17.27
N ASP F 71 20.61 10.96 17.63
CA ASP F 71 20.22 10.90 19.03
C ASP F 71 19.86 9.52 19.50
N ASN F 72 19.51 8.60 18.59
CA ASN F 72 18.96 7.32 19.00
C ASN F 72 19.64 6.09 18.43
N THR F 73 20.47 6.24 17.40
CA THR F 73 21.13 5.08 16.79
C THR F 73 22.61 5.28 16.51
N LEU F 74 23.01 6.44 15.97
CA LEU F 74 24.38 6.63 15.48
C LEU F 74 25.39 6.85 16.60
N SER F 75 24.97 7.37 17.75
CA SER F 75 25.87 7.52 18.90
C SER F 75 25.85 6.28 19.80
N LYS F 76 25.01 5.30 19.50
CA LYS F 76 24.87 4.10 20.31
C LYS F 76 25.19 2.84 19.51
N VAL F 79 29.48 -0.95 18.54
CA VAL F 79 29.75 -1.81 17.38
C VAL F 79 30.80 -1.16 16.47
N PRO F 80 31.79 -1.96 16.02
CA PRO F 80 32.83 -1.41 15.13
C PRO F 80 32.40 -1.47 13.68
N ILE F 81 32.73 -0.41 12.94
CA ILE F 81 32.39 -0.32 11.53
C ILE F 81 33.59 0.25 10.78
N ASN F 82 33.62 -0.02 9.48
CA ASN F 82 34.58 0.60 8.58
C ASN F 82 33.82 1.05 7.34
N THR F 83 34.15 2.24 6.85
CA THR F 83 33.44 2.83 5.73
C THR F 83 34.39 3.05 4.58
N THR F 84 33.97 2.65 3.38
CA THR F 84 34.76 2.84 2.17
C THR F 84 33.93 3.64 1.16
N ILE F 85 34.54 4.64 0.55
CA ILE F 85 33.90 5.42 -0.49
C ILE F 85 34.54 5.04 -1.81
N LEU F 86 33.71 4.64 -2.77
CA LEU F 86 34.16 4.16 -4.07
C LEU F 86 33.65 5.05 -5.20
N SER F 87 34.49 5.17 -6.23
CA SER F 87 34.22 5.86 -7.48
C SER F 87 33.56 7.21 -7.26
N PRO F 88 34.11 8.05 -6.40
CA PRO F 88 33.52 9.39 -6.23
C PRO F 88 33.71 10.24 -7.48
N HIS F 89 32.60 10.59 -8.13
CA HIS F 89 32.60 11.55 -9.23
CA HIS F 89 32.61 11.54 -9.23
C HIS F 89 32.10 12.88 -8.72
N VAL F 90 32.84 13.95 -9.03
CA VAL F 90 32.45 15.31 -8.66
C VAL F 90 32.12 16.09 -9.92
N HIS F 91 30.93 16.66 -9.95
CA HIS F 91 30.46 17.57 -11.00
C HIS F 91 30.60 18.99 -10.49
N VAL F 92 31.39 19.81 -11.16
CA VAL F 92 31.45 21.22 -10.83
C VAL F 92 30.46 21.94 -11.73
N LEU F 93 29.45 22.54 -11.11
CA LEU F 93 28.37 23.17 -11.85
C LEU F 93 28.56 24.67 -12.02
N GLY F 94 29.29 25.30 -11.12
CA GLY F 94 29.54 26.72 -11.22
C GLY F 94 30.34 27.20 -10.03
N GLU F 95 30.47 28.52 -9.92
CA GLU F 95 31.20 29.10 -8.82
C GLU F 95 30.56 28.78 -7.47
N ASP F 96 29.24 28.64 -7.42
CA ASP F 96 28.53 28.48 -6.16
C ASP F 96 27.83 27.12 -6.05
N ALA F 97 28.15 26.17 -6.92
CA ALA F 97 27.39 24.93 -6.94
C ALA F 97 28.23 23.76 -7.42
N ALA F 98 28.04 22.61 -6.77
CA ALA F 98 28.71 21.37 -7.15
C ALA F 98 27.81 20.18 -6.78
N CYS F 99 28.12 19.04 -7.38
CA CYS F 99 27.41 17.80 -7.13
C CYS F 99 28.41 16.66 -7.06
N ILE F 100 28.27 15.79 -6.06
CA ILE F 100 29.15 14.63 -5.91
C ILE F 100 28.30 13.39 -5.72
N CYS F 101 28.73 12.29 -6.35
N CYS F 101 28.73 12.30 -6.36
CA CYS F 101 28.03 11.03 -6.26
CA CYS F 101 28.02 11.03 -6.28
C CYS F 101 29.05 9.92 -6.10
C CYS F 101 29.04 9.91 -6.11
N TYR F 102 28.73 8.94 -5.24
CA TYR F 102 29.67 7.89 -4.89
C TYR F 102 28.89 6.72 -4.34
N MET F 103 29.56 5.58 -4.21
CA MET F 103 29.02 4.43 -3.50
C MET F 103 29.73 4.30 -2.16
N ARG F 104 29.01 3.76 -1.19
CA ARG F 104 29.50 3.71 0.18
C ARG F 104 29.34 2.28 0.67
N LEU F 105 30.45 1.68 1.09
CA LEU F 105 30.46 0.35 1.68
C LEU F 105 30.65 0.48 3.18
N THR F 106 29.74 -0.08 3.93
CA THR F 106 29.85 -0.11 5.38
C THR F 106 30.03 -1.54 5.81
N GLN F 107 31.16 -1.83 6.43
CA GLN F 107 31.39 -3.14 7.02
C GLN F 107 31.03 -3.09 8.50
N SER F 108 30.49 -4.19 9.01
CA SER F 108 30.14 -4.25 10.42
C SER F 108 30.18 -5.70 10.87
N VAL F 109 29.98 -5.89 12.17
CA VAL F 109 30.02 -7.20 12.78
C VAL F 109 28.98 -7.22 13.90
N ASN F 110 28.19 -8.29 13.96
CA ASN F 110 27.12 -8.40 14.95
C ASN F 110 27.69 -8.83 16.30
N SER F 111 26.81 -9.05 17.27
CA SER F 111 27.24 -9.54 18.56
C SER F 111 27.96 -10.88 18.43
N SER F 112 27.39 -11.79 17.63
CA SER F 112 27.94 -13.13 17.44
C SER F 112 29.32 -13.11 16.79
N GLY F 113 29.75 -11.98 16.23
CA GLY F 113 31.02 -11.91 15.55
C GLY F 113 30.96 -12.17 14.06
N GLU F 114 29.78 -12.19 13.47
CA GLU F 114 29.62 -12.43 12.04
C GLU F 114 29.75 -11.10 11.29
N ALA F 115 30.52 -11.11 10.21
CA ALA F 115 30.76 -9.90 9.43
C ALA F 115 29.61 -9.65 8.46
N LYS F 116 29.50 -8.38 8.06
CA LYS F 116 28.42 -7.94 7.19
C LYS F 116 28.91 -6.73 6.39
N THR F 117 28.50 -6.64 5.12
CA THR F 117 28.79 -5.46 4.31
C THR F 117 27.51 -4.96 3.67
N LEU F 118 27.26 -3.66 3.81
CA LEU F 118 26.11 -3.01 3.22
C LEU F 118 26.57 -1.97 2.22
N GLN F 119 25.84 -1.85 1.11
CA GLN F 119 26.17 -0.92 0.04
C GLN F 119 25.05 0.11 -0.15
N GLN F 120 25.45 1.36 -0.33
CA GLN F 120 24.52 2.44 -0.64
C GLN F 120 25.10 3.33 -1.73
N GLU F 121 24.21 3.86 -2.57
CA GLU F 121 24.57 4.85 -3.58
C GLU F 121 24.08 6.21 -3.12
N GLU F 122 24.93 7.22 -3.23
CA GLU F 122 24.64 8.53 -2.67
C GLU F 122 24.95 9.64 -3.67
N THR F 123 24.00 10.54 -3.83
CA THR F 123 24.20 11.79 -4.55
C THR F 123 24.08 12.92 -3.53
N ARG F 124 25.03 13.86 -3.55
CA ARG F 124 24.99 14.99 -2.64
C ARG F 124 25.21 16.27 -3.43
N VAL F 125 24.35 17.25 -3.19
CA VAL F 125 24.37 18.51 -3.92
C VAL F 125 24.87 19.57 -2.95
N TRP F 126 25.95 20.24 -3.33
CA TRP F 126 26.56 21.26 -2.49
C TRP F 126 26.39 22.62 -3.14
N GLN F 127 26.15 23.62 -2.32
CA GLN F 127 25.92 24.98 -2.76
C GLN F 127 26.69 25.91 -1.84
N LYS F 128 27.36 26.91 -2.43
CA LYS F 128 28.07 27.91 -1.66
C LYS F 128 27.08 28.99 -1.21
N LYS F 129 26.92 29.13 0.11
CA LYS F 129 25.98 30.08 0.68
C LYS F 129 26.71 30.88 1.76
N GLY F 130 27.02 32.13 1.45
CA GLY F 130 27.77 32.95 2.38
C GLY F 130 29.23 32.58 2.45
N GLY F 131 29.80 32.09 1.34
CA GLY F 131 31.17 31.63 1.31
C GLY F 131 31.40 30.28 1.93
N ASN F 132 30.33 29.60 2.36
CA ASN F 132 30.42 28.29 2.99
C ASN F 132 29.67 27.25 2.15
N TRP F 133 30.31 26.11 1.95
CA TRP F 133 29.69 25.02 1.20
C TRP F 133 28.74 24.28 2.12
N ILE F 134 27.45 24.24 1.74
CA ILE F 134 26.41 23.56 2.51
C ILE F 134 25.78 22.50 1.63
N ASN F 135 25.44 21.36 2.23
CA ASN F 135 24.80 20.26 1.49
C ASN F 135 23.30 20.48 1.51
N VAL F 136 22.72 20.85 0.35
CA VAL F 136 21.32 21.29 0.29
C VAL F 136 20.36 20.20 -0.19
N HIS F 137 20.87 19.13 -0.79
CA HIS F 137 20.02 18.00 -1.15
C HIS F 137 20.88 16.76 -1.28
N PHE F 138 20.33 15.62 -0.85
CA PHE F 138 21.04 14.38 -1.10
C PHE F 138 20.02 13.28 -1.33
N HIS F 139 20.49 12.21 -1.97
CA HIS F 139 19.66 11.10 -2.40
C HIS F 139 20.45 9.83 -2.14
N ILE F 140 19.89 8.92 -1.36
CA ILE F 140 20.54 7.68 -0.97
C ILE F 140 19.64 6.51 -1.36
N SER F 141 20.25 5.45 -1.90
CA SER F 141 19.52 4.24 -2.24
C SER F 141 20.38 3.04 -1.88
N GLY F 142 19.72 1.91 -1.67
CA GLY F 142 20.39 0.67 -1.35
C GLY F 142 19.88 0.03 -0.05
N THR G 13 -46.02 0.82 21.22
CA THR G 13 -44.89 1.36 20.48
C THR G 13 -43.83 0.30 20.28
N ALA G 14 -43.32 0.21 19.05
CA ALA G 14 -42.30 -0.77 18.73
C ALA G 14 -40.90 -0.26 19.03
N LYS G 15 -40.64 1.04 18.87
CA LYS G 15 -39.32 1.60 19.13
C LYS G 15 -38.90 1.38 20.57
N VAL G 16 -39.85 1.34 21.50
CA VAL G 16 -39.54 0.99 22.87
C VAL G 16 -39.12 -0.47 22.97
N ARG G 17 -39.77 -1.36 22.21
CA ARG G 17 -39.42 -2.77 22.25
C ARG G 17 -38.06 -3.02 21.60
N GLU G 18 -37.70 -2.27 20.57
CA GLU G 18 -36.36 -2.40 20.00
C GLU G 18 -35.30 -2.07 21.05
N GLN G 19 -35.59 -1.08 21.89
CA GLN G 19 -34.62 -0.64 22.90
C GLN G 19 -34.44 -1.67 24.00
N GLU G 20 -35.48 -2.41 24.32
CA GLU G 20 -35.36 -3.44 25.33
C GLU G 20 -34.49 -4.59 24.83
N ILE G 21 -34.68 -5.00 23.58
CA ILE G 21 -33.86 -6.06 23.01
C ILE G 21 -32.39 -5.62 22.98
N ILE G 22 -32.15 -4.37 22.61
CA ILE G 22 -30.78 -3.88 22.59
C ILE G 22 -30.22 -3.84 23.99
N ARG G 23 -31.02 -3.37 24.94
CA ARG G 23 -30.60 -3.33 26.34
C ARG G 23 -30.25 -4.74 26.82
N LEU G 24 -31.11 -5.72 26.52
CA LEU G 24 -30.85 -7.10 26.92
C LEU G 24 -29.63 -7.68 26.24
N THR G 25 -29.42 -7.37 24.95
CA THR G 25 -28.25 -7.90 24.24
C THR G 25 -26.97 -7.30 24.79
N GLN G 26 -27.00 -6.03 25.15
CA GLN G 26 -25.85 -5.42 25.82
C GLN G 26 -25.59 -6.12 27.14
N LYS G 27 -26.65 -6.34 27.91
CA LYS G 27 -26.54 -7.06 29.17
C LYS G 27 -25.93 -8.45 28.94
N LEU G 28 -26.40 -9.15 27.90
CA LEU G 28 -25.88 -10.48 27.61
C LEU G 28 -24.41 -10.42 27.20
N ILE G 29 -24.05 -9.46 26.33
CA ILE G 29 -22.66 -9.38 25.86
C ILE G 29 -21.74 -9.00 27.02
N THR G 30 -22.20 -8.14 27.92
CA THR G 30 -21.39 -7.84 29.10
C THR G 30 -21.14 -9.10 29.92
N SER G 31 -22.16 -9.95 30.09
CA SER G 31 -21.97 -11.14 30.92
C SER G 31 -20.98 -12.11 30.29
N ILE G 32 -20.89 -12.14 28.96
CA ILE G 32 -19.90 -12.99 28.29
C ILE G 32 -18.49 -12.46 28.53
N THR G 33 -18.27 -11.16 28.32
CA THR G 33 -16.92 -10.61 28.43
C THR G 33 -16.43 -10.57 29.88
N THR G 34 -17.30 -10.40 30.86
CA THR G 34 -16.87 -10.44 32.27
C THR G 34 -16.93 -11.84 32.88
N GLY G 35 -17.32 -12.87 32.13
CA GLY G 35 -17.32 -14.22 32.65
C GLY G 35 -18.42 -14.49 33.65
N ASP G 36 -19.47 -13.67 33.64
CA ASP G 36 -20.56 -13.74 34.61
C ASP G 36 -21.58 -14.77 34.15
N TYR G 37 -21.27 -16.03 34.43
CA TYR G 37 -22.14 -17.11 33.95
C TYR G 37 -23.52 -17.01 34.56
N ASP G 38 -23.64 -16.42 35.74
CA ASP G 38 -24.94 -16.37 36.41
C ASP G 38 -25.94 -15.50 35.65
N THR G 39 -25.50 -14.33 35.19
CA THR G 39 -26.37 -13.53 34.34
C THR G 39 -26.63 -14.23 33.01
N TYR G 40 -25.57 -14.80 32.42
CA TYR G 40 -25.72 -15.52 31.15
C TYR G 40 -26.78 -16.61 31.25
N SER G 41 -26.71 -17.42 32.31
CA SER G 41 -27.62 -18.56 32.47
C SER G 41 -29.07 -18.13 32.70
N LYS G 42 -29.30 -16.88 33.11
CA LYS G 42 -30.66 -16.36 33.25
C LYS G 42 -31.18 -15.71 31.97
N LEU G 43 -30.30 -15.26 31.07
CA LEU G 43 -30.74 -14.63 29.83
C LEU G 43 -30.85 -15.62 28.68
N VAL G 44 -30.11 -16.71 28.73
CA VAL G 44 -30.08 -17.70 27.67
C VAL G 44 -30.87 -18.92 28.09
N ASP G 45 -31.63 -19.48 27.16
CA ASP G 45 -32.54 -20.57 27.44
C ASP G 45 -31.74 -21.84 27.75
N PRO G 46 -32.18 -22.66 28.70
CA PRO G 46 -31.45 -23.91 28.96
C PRO G 46 -31.50 -24.86 27.77
N HIS G 47 -32.45 -24.71 26.85
CA HIS G 47 -32.49 -25.47 25.61
C HIS G 47 -32.11 -24.61 24.40
N VAL G 48 -31.22 -23.65 24.59
CA VAL G 48 -30.78 -22.80 23.50
C VAL G 48 -30.11 -23.64 22.42
N THR G 49 -30.36 -23.27 21.17
CA THR G 49 -29.61 -23.81 20.05
C THR G 49 -28.66 -22.75 19.50
N CYS G 50 -27.61 -23.20 18.84
CA CYS G 50 -26.68 -22.21 18.32
C CYS G 50 -25.76 -22.81 17.27
N PHE G 51 -25.27 -21.93 16.42
CA PHE G 51 -24.13 -22.16 15.56
C PHE G 51 -23.04 -21.20 16.00
N GLU G 52 -21.82 -21.67 16.12
CA GLU G 52 -20.73 -20.77 16.45
C GLU G 52 -19.42 -21.42 16.05
N PRO G 53 -18.35 -20.64 15.92
CA PRO G 53 -17.08 -21.23 15.44
C PRO G 53 -16.63 -22.45 16.22
N PHE G 54 -16.80 -22.47 17.54
CA PHE G 54 -16.38 -23.65 18.29
C PHE G 54 -17.31 -24.83 18.13
N SER G 55 -18.51 -24.66 17.59
CA SER G 55 -19.37 -25.80 17.33
C SER G 55 -18.99 -26.56 16.06
N ASN G 56 -17.95 -26.10 15.34
CA ASN G 56 -17.41 -26.81 14.17
C ASN G 56 -18.50 -27.16 13.16
N GLY G 57 -19.35 -26.20 12.85
CA GLY G 57 -20.36 -26.39 11.82
C GLY G 57 -21.55 -27.20 12.26
N ASN G 58 -21.71 -27.45 13.55
CA ASN G 58 -22.82 -28.23 14.08
C ASN G 58 -23.73 -27.31 14.86
N LEU G 59 -25.01 -27.68 14.90
CA LEU G 59 -25.97 -27.05 15.77
C LEU G 59 -25.87 -27.73 17.11
N VAL G 60 -25.52 -26.98 18.14
CA VAL G 60 -25.39 -27.52 19.49
C VAL G 60 -26.51 -26.94 20.32
N GLU G 61 -26.99 -27.73 21.25
CA GLU G 61 -28.13 -27.44 22.10
C GLU G 61 -27.71 -27.47 23.55
N GLY G 62 -28.19 -26.53 24.33
CA GLY G 62 -27.91 -26.56 25.75
C GLY G 62 -26.84 -25.59 26.19
N LEU G 63 -26.86 -25.28 27.47
CA LEU G 63 -25.94 -24.31 28.05
C LEU G 63 -24.57 -24.89 28.37
N GLU G 64 -24.48 -26.19 28.55
CA GLU G 64 -23.22 -26.75 29.03
C GLU G 64 -22.10 -26.49 28.05
N PHE G 65 -22.40 -26.51 26.75
CA PHE G 65 -21.39 -26.24 25.74
C PHE G 65 -20.77 -24.86 25.95
N HIS G 66 -21.56 -23.89 26.38
CA HIS G 66 -21.10 -22.54 26.65
C HIS G 66 -20.59 -22.38 28.07
N LYS G 67 -21.24 -23.04 29.04
CA LYS G 67 -20.72 -23.02 30.40
C LYS G 67 -19.26 -23.41 30.43
N PHE G 68 -18.85 -24.27 29.49
CA PHE G 68 -17.46 -24.72 29.45
C PHE G 68 -16.48 -23.57 29.27
N TYR G 69 -16.87 -22.54 28.51
CA TYR G 69 -15.96 -21.42 28.32
C TYR G 69 -16.00 -20.47 29.51
N PHE G 70 -17.17 -20.26 30.11
CA PHE G 70 -17.24 -19.47 31.33
C PHE G 70 -16.36 -20.08 32.41
N ASP G 71 -16.34 -21.40 32.51
CA ASP G 71 -15.52 -22.03 33.55
C ASP G 71 -14.04 -21.89 33.25
N ASN G 72 -13.65 -21.98 31.98
CA ASN G 72 -12.22 -22.21 31.67
C ASN G 72 -11.55 -21.05 30.94
N THR G 73 -12.24 -20.32 30.07
CA THR G 73 -11.56 -19.30 29.28
C THR G 73 -12.07 -17.88 29.54
N LEU G 74 -13.38 -17.68 29.70
CA LEU G 74 -13.90 -16.31 29.86
C LEU G 74 -13.62 -15.76 31.26
N SER G 75 -13.78 -16.60 32.30
CA SER G 75 -13.51 -16.17 33.66
C SER G 75 -12.02 -16.08 33.97
N LYS G 76 -11.16 -16.64 33.12
CA LYS G 76 -9.73 -16.69 33.39
C LYS G 76 -8.93 -15.84 32.40
N ARG G 77 -9.58 -14.88 31.75
CA ARG G 77 -8.87 -13.96 30.88
C ARG G 77 -8.34 -12.81 31.72
N SER G 78 -7.02 -12.64 31.70
CA SER G 78 -6.38 -11.49 32.36
C SER G 78 -6.41 -10.26 31.47
N VAL G 79 -6.41 -10.47 30.15
CA VAL G 79 -6.23 -9.41 29.17
C VAL G 79 -7.34 -8.37 29.30
N PRO G 80 -7.06 -7.08 29.11
CA PRO G 80 -8.13 -6.10 28.98
C PRO G 80 -8.69 -6.07 27.56
N ILE G 81 -9.97 -5.76 27.46
CA ILE G 81 -10.64 -5.75 26.17
C ILE G 81 -11.63 -4.59 26.12
N ASN G 82 -12.00 -4.20 24.91
CA ASN G 82 -13.08 -3.27 24.71
C ASN G 82 -13.95 -3.81 23.59
N THR G 83 -15.25 -3.82 23.83
CA THR G 83 -16.20 -4.36 22.86
C THR G 83 -16.95 -3.21 22.20
N THR G 84 -17.13 -3.32 20.89
CA THR G 84 -17.94 -2.37 20.14
C THR G 84 -18.99 -3.13 19.33
N ILE G 85 -20.22 -2.65 19.38
CA ILE G 85 -21.33 -3.26 18.66
C ILE G 85 -21.71 -2.35 17.51
N LEU G 86 -21.64 -2.89 16.30
CA LEU G 86 -21.83 -2.15 15.06
C LEU G 86 -23.13 -2.57 14.38
N SER G 87 -23.88 -1.58 13.91
CA SER G 87 -25.02 -1.82 13.03
C SER G 87 -26.05 -2.74 13.67
N PRO G 88 -26.51 -2.46 14.89
CA PRO G 88 -27.57 -3.28 15.48
C PRO G 88 -28.92 -3.09 14.79
N HIS G 89 -29.40 -4.13 14.12
CA HIS G 89 -30.73 -4.16 13.52
CA HIS G 89 -30.73 -4.15 13.54
C HIS G 89 -31.62 -5.10 14.33
N VAL G 90 -32.76 -4.59 14.78
CA VAL G 90 -33.71 -5.36 15.59
C VAL G 90 -35.00 -5.55 14.79
N HIS G 91 -35.34 -6.82 14.50
CA HIS G 91 -36.64 -7.17 13.91
C HIS G 91 -37.61 -7.51 15.03
N VAL G 92 -38.65 -6.70 15.18
CA VAL G 92 -39.73 -7.03 16.10
C VAL G 92 -40.69 -7.97 15.37
N LEU G 93 -40.72 -9.23 15.80
CA LEU G 93 -41.48 -10.25 15.12
C LEU G 93 -42.89 -10.43 15.66
N GLY G 94 -43.18 -9.84 16.81
CA GLY G 94 -44.48 -10.02 17.44
C GLY G 94 -44.39 -9.54 18.87
N GLU G 95 -45.45 -9.80 19.63
CA GLU G 95 -45.45 -9.36 21.02
C GLU G 95 -44.53 -10.18 21.90
N ASP G 96 -44.17 -11.40 21.48
CA ASP G 96 -43.36 -12.29 22.31
C ASP G 96 -42.09 -12.75 21.61
N ALA G 97 -41.67 -12.08 20.54
CA ALA G 97 -40.53 -12.56 19.78
C ALA G 97 -39.81 -11.40 19.10
N ALA G 98 -38.50 -11.54 18.98
CA ALA G 98 -37.64 -10.53 18.39
C ALA G 98 -36.34 -11.16 17.91
N CYS G 99 -35.71 -10.52 16.94
CA CYS G 99 -34.43 -10.95 16.40
C CYS G 99 -33.52 -9.74 16.29
N ILE G 100 -32.28 -9.87 16.76
CA ILE G 100 -31.31 -8.77 16.71
C ILE G 100 -30.05 -9.24 15.99
N CYS G 101 -29.53 -8.37 15.11
CA CYS G 101 -28.39 -8.66 14.25
C CYS G 101 -27.36 -7.56 14.44
N TYR G 102 -26.09 -7.93 14.51
CA TYR G 102 -25.06 -6.94 14.79
C TYR G 102 -23.70 -7.57 14.58
N MET G 103 -22.72 -6.72 14.38
CA MET G 103 -21.32 -7.09 14.33
C MET G 103 -20.67 -6.66 15.63
N ARG G 104 -19.69 -7.43 16.06
CA ARG G 104 -19.06 -7.24 17.36
C ARG G 104 -17.56 -7.17 17.15
N LEU G 105 -16.95 -6.06 17.56
CA LEU G 105 -15.52 -5.87 17.50
C LEU G 105 -14.94 -6.00 18.90
N THR G 106 -13.93 -6.83 19.03
CA THR G 106 -13.22 -6.98 20.29
C THR G 106 -11.79 -6.52 20.09
N GLN G 107 -11.43 -5.45 20.76
CA GLN G 107 -10.06 -4.99 20.86
C GLN G 107 -9.40 -5.64 22.05
N SER G 108 -8.13 -5.98 21.90
CA SER G 108 -7.39 -6.59 23.02
C SER G 108 -5.91 -6.27 22.86
N VAL G 109 -5.17 -6.56 23.93
CA VAL G 109 -3.73 -6.36 23.99
C VAL G 109 -3.15 -7.50 24.80
N ASN G 110 -2.11 -8.15 24.28
CA ASN G 110 -1.59 -9.38 24.87
C ASN G 110 -0.53 -9.05 25.94
N SER G 111 0.30 -10.03 26.30
CA SER G 111 1.35 -9.80 27.29
C SER G 111 2.29 -8.68 26.86
N SER G 112 2.60 -8.61 25.57
CA SER G 112 3.43 -7.54 25.02
C SER G 112 2.61 -6.27 24.84
N GLY G 113 3.08 -5.34 24.00
CA GLY G 113 2.30 -4.17 23.66
C GLY G 113 1.56 -4.37 22.36
N GLU G 114 1.32 -5.64 22.01
CA GLU G 114 0.74 -6.01 20.73
C GLU G 114 -0.79 -6.05 20.83
N ALA G 115 -1.46 -5.19 20.07
CA ALA G 115 -2.91 -5.12 20.07
C ALA G 115 -3.49 -5.82 18.85
N LYS G 116 -4.74 -6.26 18.99
CA LYS G 116 -5.43 -6.91 17.88
C LYS G 116 -6.92 -6.64 17.99
N THR G 117 -7.59 -6.72 16.85
CA THR G 117 -9.03 -6.59 16.79
C THR G 117 -9.61 -7.82 16.10
N LEU G 118 -10.70 -8.35 16.64
CA LEU G 118 -11.39 -9.47 16.03
C LEU G 118 -12.84 -9.08 15.82
N GLN G 119 -13.43 -9.64 14.76
CA GLN G 119 -14.79 -9.30 14.37
C GLN G 119 -15.64 -10.55 14.33
N GLN G 120 -16.81 -10.48 14.94
CA GLN G 120 -17.80 -11.54 14.85
C GLN G 120 -19.12 -10.93 14.39
N GLU G 121 -19.88 -11.73 13.66
CA GLU G 121 -21.25 -11.41 13.28
C GLU G 121 -22.18 -12.29 14.08
N GLU G 122 -23.22 -11.70 14.64
CA GLU G 122 -24.08 -12.40 15.57
C GLU G 122 -25.53 -12.17 15.20
N THR G 123 -26.32 -13.25 15.21
CA THR G 123 -27.77 -13.17 15.20
C THR G 123 -28.28 -13.77 16.50
N ARG G 124 -29.20 -13.09 17.17
CA ARG G 124 -29.77 -13.58 18.42
C ARG G 124 -31.28 -13.48 18.36
N VAL G 125 -31.95 -14.59 18.64
CA VAL G 125 -33.40 -14.67 18.63
C VAL G 125 -33.87 -14.63 20.08
N TRP G 126 -34.67 -13.63 20.41
CA TRP G 126 -35.23 -13.47 21.75
C TRP G 126 -36.70 -13.88 21.74
N GLN G 127 -37.09 -14.61 22.79
CA GLN G 127 -38.46 -15.03 22.97
C GLN G 127 -38.91 -14.67 24.37
N LYS G 128 -40.17 -14.27 24.49
CA LYS G 128 -40.76 -13.92 25.78
C LYS G 128 -41.43 -15.16 26.36
N LYS G 129 -40.87 -15.67 27.45
CA LYS G 129 -41.37 -16.87 28.12
C LYS G 129 -41.64 -16.52 29.56
N GLY G 130 -42.86 -16.79 30.02
CA GLY G 130 -43.36 -16.19 31.23
C GLY G 130 -43.65 -14.72 30.97
N GLY G 131 -42.83 -13.86 31.54
CA GLY G 131 -42.87 -12.45 31.19
C GLY G 131 -41.48 -11.93 30.93
N ASN G 132 -40.59 -12.86 30.58
CA ASN G 132 -39.16 -12.58 30.49
C ASN G 132 -38.66 -12.90 29.09
N TRP G 133 -37.78 -12.04 28.61
CA TRP G 133 -37.12 -12.27 27.34
C TRP G 133 -35.94 -13.19 27.56
N ILE G 134 -35.88 -14.28 26.79
CA ILE G 134 -34.79 -15.23 26.86
C ILE G 134 -34.24 -15.45 25.45
N ASN G 135 -32.93 -15.57 25.34
CA ASN G 135 -32.28 -15.80 24.05
C ASN G 135 -32.38 -17.29 23.76
N VAL G 136 -33.22 -17.66 22.78
CA VAL G 136 -33.48 -19.07 22.48
C VAL G 136 -32.63 -19.63 21.35
N HIS G 137 -31.93 -18.79 20.60
CA HIS G 137 -31.06 -19.27 19.52
C HIS G 137 -30.09 -18.15 19.17
N PHE G 138 -28.86 -18.52 18.85
CA PHE G 138 -27.96 -17.52 18.30
C PHE G 138 -27.04 -18.18 17.27
N HIS G 139 -26.61 -17.37 16.33
CA HIS G 139 -25.70 -17.80 15.28
C HIS G 139 -24.54 -16.80 15.29
N ILE G 140 -23.33 -17.32 15.37
CA ILE G 140 -22.11 -16.52 15.44
C ILE G 140 -21.19 -16.98 14.34
N SER G 141 -20.64 -16.02 13.59
CA SER G 141 -19.64 -16.34 12.59
C SER G 141 -18.54 -15.29 12.64
N GLY G 142 -17.34 -15.72 12.27
CA GLY G 142 -16.17 -14.86 12.26
C GLY G 142 -14.91 -15.63 12.59
C1 GOL H . 32.33 -10.01 -4.74
O1 GOL H . 32.78 -8.67 -4.62
C2 GOL H . 33.42 -10.79 -5.53
O2 GOL H . 33.56 -12.16 -5.19
C3 GOL H . 33.06 -10.67 -6.99
O3 GOL H . 33.85 -11.57 -7.73
H11 GOL H . 31.39 -10.04 -5.29
H12 GOL H . 32.19 -10.45 -3.76
HO1 GOL H . 32.09 -8.13 -4.19
H2 GOL H . 34.37 -10.28 -5.37
HO2 GOL H . 32.72 -12.63 -5.36
H31 GOL H . 33.22 -9.66 -7.33
H32 GOL H . 32.01 -10.92 -7.12
HO3 GOL H . 33.56 -11.57 -8.67
C1 GOL I . -5.11 3.86 0.32
O1 GOL I . -5.88 4.26 1.42
C2 GOL I . -3.83 4.71 0.30
O2 GOL I . -3.45 5.10 1.60
C3 GOL I . -2.67 3.95 -0.34
O3 GOL I . -2.31 4.71 -1.46
H11 GOL I . -5.68 4.00 -0.61
H12 GOL I . -4.86 2.79 0.40
HO1 GOL I . -6.73 3.78 1.42
H2 GOL I . -4.03 5.59 -0.31
HO2 GOL I . -3.22 4.30 2.13
H31 GOL I . -2.98 2.94 -0.64
H32 GOL I . -1.84 3.87 0.36
HO3 GOL I . -2.61 4.26 -2.28
#